data_8FCC
#
_entry.id   8FCC
#
_cell.length_a   120.103
_cell.length_b   154.763
_cell.length_c   154.669
_cell.angle_alpha   90.000
_cell.angle_beta   90.000
_cell.angle_gamma   90.000
#
_symmetry.space_group_name_H-M   'C 2 2 21'
#
loop_
_entity.id
_entity.type
_entity.pdbx_description
1 polymer 'p66 RT'
2 polymer 'p51 RT'
3 non-polymer 4-[(9-{4-[(E)-2-cyanoethenyl]-2,6-dimethylphenyl}-8-oxo-8,9-dihydro-7H-purin-2-yl)amino]benzonitrile
4 non-polymer 'L(+)-TARTARIC ACID'
5 water water
#
loop_
_entity_poly.entity_id
_entity_poly.type
_entity_poly.pdbx_seq_one_letter_code
_entity_poly.pdbx_strand_id
1 'polypeptide(L)'
;PISPIETVPVKLKPGMDGPKVKQWPLTEEKIKALVEICTEMEKEGKISKIGPENPYNTPVFAIKKKDSTKWRKLVDFREL
NKRTQDFWEVQLGIPHPAGLKKKKSVTVLDVGDAYFSVPLDEDFRKYTAFTIPSINNETPGIRYQYNVLPQGWKGSPAIF
QSSMTKILEPFRKQNPDIVIYQYMDDLYVGSDLEIGQHRTKIEELRQHLLRWGLTTPDKKHQKEPPFLWMGYELHPDKWT
VQPIVLPEKDSWTVNDIQKLVGKLNWASQIYPGIKVRQLCKLLRGTKALTEVIPLTEEAELELAENREILKEPVHGVYYD
PSKDLIAEIQKQGQGQWTYQIYQEPFKNLKTGKYARMRGAHTNDVKQLTEAVQKITTESIVIWGKTPKFKLPIQKETWET
WWTEYWQATWIPEWEFVNTPPLVKLWYQLEKEPIVGAETFYVDGAANRETKLGKAGYVTNRGRQKVVTLTDTTNQKTELQ
AIYLALQDSGLEVNIVTDSQYALGIIQAQPDQSESELVNQIIEQLIKKEKVYLAWVPAHKGIGGNEQVDKLVSAGIRKVL
;
A
2 'polypeptide(L)'
;PISPIETVPVKLKPGMDGPKVKQWPLTEEKIKALVEICTEMEKEGKISKIGPENPYNTPVFAIKKKDSTKWRKLVDFREL
NKRTQDFWEVQLGIPHPAGLKKKKSVTVLDVGDAYFSVPLDEDFRKYTAFTIPSINNETPGIRYQYNVLPQGWKGSPAIF
QSSMTKILEPFRKQNPDIVIYQYMDDLYVGSDLEIGQHRTKIEELRQHLLRWGLTTPDKKHQKEPPFLWMGYELHPDKWT
VQPIVLPEKDSWTVNDIQKLVGKLNWASQIYPGIKVRQLCKLLRGTKALTEVIPLTEEAELELAENREILKEPVHGVYYD
PSKDLIAEIQKQGQGQWTYQIYQEPFKNLKTGKYARMRGAHTNDVKQLTEAVQKITTESIVIWGKTPKFKLPIQKETWET
WWTEYWQATWIPEWEFVNTPPLVKLWYQLEKEPIVGAETF
;
B
#
loop_
_chem_comp.id
_chem_comp.type
_chem_comp.name
_chem_comp.formula
TLA non-polymer 'L(+)-TARTARIC ACID' 'C4 H6 O6'
YO9 non-polymer 4-[(9-{4-[(E)-2-cyanoethenyl]-2,6-dimethylphenyl}-8-oxo-8,9-dihydro-7H-purin-2-yl)amino]benzonitrile 'C23 H17 N7 O'
#
# COMPACT_ATOMS: atom_id res chain seq x y z
N PRO A 1 36.01 -27.53 -3.65
CA PRO A 1 36.68 -26.26 -3.41
C PRO A 1 35.87 -25.30 -2.54
N ILE A 2 36.58 -24.40 -1.88
CA ILE A 2 36.01 -23.38 -1.02
C ILE A 2 36.37 -22.04 -1.63
N SER A 3 35.35 -21.31 -2.10
CA SER A 3 35.56 -20.08 -2.85
C SER A 3 36.47 -19.10 -2.11
N PRO A 4 37.38 -18.45 -2.81
CA PRO A 4 38.20 -17.39 -2.18
C PRO A 4 37.46 -16.08 -1.91
N ILE A 5 36.14 -16.06 -2.09
CA ILE A 5 35.36 -14.86 -1.80
C ILE A 5 35.45 -14.52 -0.32
N GLU A 6 35.45 -13.23 -0.01
CA GLU A 6 35.48 -12.79 1.38
C GLU A 6 34.16 -13.12 2.09
N THR A 7 34.24 -13.29 3.41
CA THR A 7 33.09 -13.79 4.14
C THR A 7 32.16 -12.67 4.54
N VAL A 8 30.93 -13.06 4.90
CA VAL A 8 29.92 -12.14 5.40
C VAL A 8 29.96 -12.22 6.93
N PRO A 9 30.21 -11.12 7.64
CA PRO A 9 30.17 -11.18 9.11
C PRO A 9 28.77 -11.48 9.60
N VAL A 10 28.68 -12.26 10.66
CA VAL A 10 27.40 -12.74 11.19
C VAL A 10 27.41 -12.57 12.70
N LYS A 11 26.23 -12.29 13.26
CA LYS A 11 26.05 -12.12 14.70
C LYS A 11 24.87 -12.94 15.20
N LEU A 12 24.97 -13.38 16.45
CA LEU A 12 23.77 -13.85 17.13
C LEU A 12 22.84 -12.66 17.41
N LYS A 13 21.59 -12.97 17.73
CA LYS A 13 20.68 -11.90 18.10
C LYS A 13 21.15 -11.28 19.42
N PRO A 14 20.89 -9.99 19.62
CA PRO A 14 21.43 -9.30 20.79
C PRO A 14 20.98 -9.94 22.09
N GLY A 15 21.92 -10.14 23.00
CA GLY A 15 21.63 -10.71 24.30
C GLY A 15 21.55 -12.23 24.35
N MET A 16 22.00 -12.92 23.30
CA MET A 16 21.88 -14.37 23.29
C MET A 16 23.23 -15.01 23.00
N ASP A 17 23.38 -16.22 23.54
CA ASP A 17 24.57 -17.03 23.34
C ASP A 17 24.23 -18.20 22.40
N GLY A 18 25.27 -18.79 21.85
CA GLY A 18 25.13 -19.85 20.88
C GLY A 18 24.51 -21.09 21.50
N PRO A 19 24.11 -22.04 20.68
CA PRO A 19 23.36 -23.20 21.19
C PRO A 19 24.23 -24.10 22.08
N LYS A 20 23.56 -24.82 22.97
CA LYS A 20 24.19 -25.81 23.82
C LYS A 20 23.25 -27.01 23.99
N VAL A 21 22.78 -27.54 22.87
CA VAL A 21 21.85 -28.65 22.87
C VAL A 21 22.62 -29.96 23.05
N LYS A 22 22.00 -30.90 23.77
CA LYS A 22 22.65 -32.15 24.11
C LYS A 22 22.46 -33.17 22.99
N GLN A 23 23.56 -33.86 22.66
CA GLN A 23 23.53 -34.90 21.63
C GLN A 23 22.95 -36.20 22.19
N TRP A 24 21.84 -36.65 21.60
CA TRP A 24 21.28 -37.96 21.90
C TRP A 24 22.20 -39.06 21.38
N PRO A 25 22.31 -40.18 22.10
CA PRO A 25 23.17 -41.27 21.62
C PRO A 25 22.53 -42.00 20.45
N LEU A 26 23.37 -42.50 19.54
CA LEU A 26 22.87 -43.14 18.33
C LEU A 26 23.38 -44.56 18.21
N THR A 27 22.75 -45.33 17.30
CA THR A 27 23.16 -46.67 16.91
C THR A 27 24.60 -46.70 16.42
N GLU A 28 25.24 -47.87 16.50
CA GLU A 28 26.61 -47.98 15.98
C GLU A 28 26.66 -47.80 14.47
N GLU A 29 25.63 -48.25 13.74
CA GLU A 29 25.54 -47.97 12.31
C GLU A 29 25.61 -46.46 12.06
N LYS A 30 24.87 -45.68 12.84
CA LYS A 30 24.79 -44.24 12.60
C LYS A 30 26.07 -43.53 13.02
N ILE A 31 26.74 -44.02 14.07
CA ILE A 31 28.04 -43.44 14.42
C ILE A 31 29.06 -43.75 13.34
N LYS A 32 29.09 -44.99 12.86
CA LYS A 32 30.02 -45.34 11.79
C LYS A 32 29.76 -44.50 10.54
N ALA A 33 28.50 -44.45 10.12
CA ALA A 33 28.11 -43.68 8.95
C ALA A 33 28.56 -42.23 9.03
N LEU A 34 28.57 -41.65 10.25
CA LEU A 34 28.90 -40.24 10.42
C LEU A 34 30.41 -40.00 10.49
N VAL A 35 31.16 -40.92 11.12
CA VAL A 35 32.62 -40.80 11.08
C VAL A 35 33.11 -40.82 9.64
N GLU A 36 32.51 -41.66 8.79
CA GLU A 36 32.90 -41.70 7.39
C GLU A 36 32.57 -40.39 6.69
N ILE A 37 31.33 -39.94 6.82
CA ILE A 37 30.90 -38.70 6.19
C ILE A 37 31.74 -37.52 6.67
N CYS A 38 31.98 -37.42 7.98
CA CYS A 38 32.76 -36.31 8.51
C CYS A 38 34.22 -36.36 8.12
N THR A 39 34.77 -37.56 7.85
CA THR A 39 36.18 -37.64 7.50
C THR A 39 36.42 -37.16 6.08
N GLU A 40 35.49 -37.43 5.17
CA GLU A 40 35.58 -36.83 3.84
C GLU A 40 35.42 -35.31 3.92
N MET A 41 34.38 -34.84 4.59
CA MET A 41 34.16 -33.40 4.73
C MET A 41 35.37 -32.70 5.35
N GLU A 42 36.07 -33.36 6.25
CA GLU A 42 37.23 -32.73 6.86
C GLU A 42 38.40 -32.65 5.88
N LYS A 43 38.55 -33.66 5.02
CA LYS A 43 39.58 -33.64 4.00
C LYS A 43 39.42 -32.44 3.09
N GLU A 44 38.19 -32.16 2.69
CA GLU A 44 37.87 -31.09 1.74
C GLU A 44 37.82 -29.71 2.35
N GLY A 45 38.01 -29.56 3.66
CA GLY A 45 37.98 -28.26 4.28
C GLY A 45 36.61 -27.79 4.73
N LYS A 46 35.57 -28.57 4.45
CA LYS A 46 34.22 -28.18 4.84
C LYS A 46 34.08 -28.09 6.36
N ILE A 47 34.75 -28.97 7.11
CA ILE A 47 34.67 -28.94 8.57
C ILE A 47 36.05 -29.10 9.18
N SER A 48 36.18 -28.64 10.42
CA SER A 48 37.38 -28.81 11.22
C SER A 48 37.01 -29.41 12.56
N LYS A 49 37.95 -30.13 13.17
CA LYS A 49 37.67 -30.63 14.52
C LYS A 49 38.31 -29.72 15.54
N ILE A 50 37.69 -29.69 16.72
CA ILE A 50 37.94 -28.67 17.72
C ILE A 50 38.06 -29.39 19.06
N GLY A 51 38.72 -28.76 20.01
CA GLY A 51 38.85 -29.38 21.31
C GLY A 51 37.55 -29.33 22.09
N PRO A 52 37.66 -29.56 23.39
CA PRO A 52 36.53 -29.35 24.31
C PRO A 52 36.45 -27.94 24.90
N GLU A 53 37.33 -27.01 24.50
CA GLU A 53 37.18 -25.62 24.90
C GLU A 53 35.82 -25.06 24.47
N ASN A 54 35.35 -25.45 23.29
CA ASN A 54 34.13 -24.91 22.72
C ASN A 54 32.90 -25.42 23.44
N PRO A 55 32.09 -24.56 24.05
CA PRO A 55 30.92 -25.00 24.82
C PRO A 55 29.65 -25.21 24.01
N TYR A 56 29.69 -25.04 22.71
CA TYR A 56 28.48 -25.04 21.91
C TYR A 56 28.28 -26.39 21.24
N ASN A 57 27.01 -26.72 21.00
CA ASN A 57 26.74 -28.00 20.38
C ASN A 57 25.34 -27.98 19.76
N THR A 58 25.21 -28.65 18.61
CA THR A 58 23.95 -28.81 17.90
C THR A 58 23.81 -30.31 17.60
N PRO A 59 22.64 -30.91 17.86
CA PRO A 59 22.50 -32.35 17.59
C PRO A 59 22.80 -32.69 16.13
N VAL A 60 23.25 -33.93 15.92
CA VAL A 60 23.47 -34.47 14.59
C VAL A 60 22.83 -35.85 14.48
N PHE A 61 22.30 -36.17 13.30
CA PHE A 61 21.65 -37.44 13.06
C PHE A 61 22.15 -38.00 11.74
N ALA A 62 21.77 -39.25 11.49
CA ALA A 62 22.09 -39.92 10.24
C ALA A 62 20.92 -40.80 9.86
N ILE A 63 20.55 -40.76 8.58
CA ILE A 63 19.43 -41.55 8.07
C ILE A 63 19.80 -42.01 6.67
N LYS A 64 19.23 -43.15 6.26
CA LYS A 64 19.71 -43.84 5.08
C LYS A 64 19.17 -43.26 3.77
N SER A 68 17.47 -47.24 0.34
CA SER A 68 18.65 -47.22 -0.52
C SER A 68 19.84 -47.87 0.19
N THR A 69 21.05 -47.36 -0.06
CA THR A 69 22.20 -47.63 0.79
C THR A 69 23.04 -46.38 1.03
N LYS A 70 22.50 -45.21 0.71
CA LYS A 70 23.15 -43.95 1.04
C LYS A 70 22.99 -43.65 2.53
N TRP A 71 24.00 -43.01 3.11
CA TRP A 71 23.87 -42.45 4.45
C TRP A 71 23.90 -40.94 4.34
N ARG A 72 23.01 -40.28 5.08
CA ARG A 72 22.89 -38.82 5.04
C ARG A 72 23.15 -38.24 6.43
N LYS A 73 24.05 -37.28 6.50
CA LYS A 73 24.23 -36.51 7.71
C LYS A 73 23.08 -35.50 7.84
N LEU A 74 22.63 -35.28 9.08
CA LEU A 74 21.52 -34.39 9.38
C LEU A 74 21.90 -33.57 10.61
N VAL A 75 22.36 -32.34 10.40
CA VAL A 75 22.60 -31.43 11.51
C VAL A 75 21.34 -30.59 11.72
N ASP A 76 20.78 -30.67 12.92
CA ASP A 76 19.50 -30.05 13.25
C ASP A 76 19.76 -28.66 13.81
N PHE A 77 19.68 -27.64 12.95
CA PHE A 77 20.11 -26.30 13.34
C PHE A 77 19.00 -25.47 13.99
N ARG A 78 17.97 -26.10 14.55
CA ARG A 78 16.81 -25.35 15.07
C ARG A 78 17.22 -24.35 16.13
N GLU A 79 18.02 -24.76 17.10
CA GLU A 79 18.41 -23.82 18.17
C GLU A 79 19.30 -22.72 17.65
N LEU A 80 20.27 -23.04 16.80
CA LEU A 80 21.15 -22.00 16.28
C LEU A 80 20.36 -21.02 15.42
N ASN A 81 19.43 -21.54 14.65
CA ASN A 81 18.65 -20.70 13.75
C ASN A 81 17.84 -19.67 14.51
N LYS A 82 17.25 -20.07 15.63
CA LYS A 82 16.49 -19.10 16.41
C LYS A 82 17.37 -18.23 17.29
N ARG A 83 18.69 -18.40 17.23
CA ARG A 83 19.58 -17.46 17.91
C ARG A 83 20.39 -16.63 16.93
N THR A 84 20.20 -16.84 15.63
CA THR A 84 20.94 -16.12 14.62
C THR A 84 20.17 -14.87 14.20
N GLN A 85 20.92 -13.82 13.87
CA GLN A 85 20.37 -12.57 13.38
C GLN A 85 19.48 -12.81 12.16
N ASP A 86 18.67 -11.84 11.79
CA ASP A 86 17.95 -11.90 10.53
C ASP A 86 18.83 -11.39 9.40
N PHE A 87 18.50 -11.83 8.20
CA PHE A 87 19.20 -11.47 6.98
C PHE A 87 18.22 -10.78 6.04
N TRP A 88 18.75 -9.99 5.12
CA TRP A 88 17.94 -9.54 4.01
C TRP A 88 17.43 -10.76 3.24
N GLU A 89 16.17 -10.73 2.81
CA GLU A 89 15.60 -11.92 2.19
C GLU A 89 16.05 -12.06 0.75
N VAL A 90 16.03 -13.31 0.27
CA VAL A 90 16.76 -13.68 -0.94
C VAL A 90 16.09 -13.08 -2.17
N GLN A 91 14.82 -13.41 -2.38
CA GLN A 91 14.04 -12.89 -3.49
C GLN A 91 12.87 -12.07 -2.99
N LEU A 92 12.71 -10.87 -3.54
CA LEU A 92 11.54 -10.07 -3.21
C LEU A 92 10.34 -10.41 -4.08
N GLY A 93 10.59 -11.11 -5.19
CA GLY A 93 9.58 -11.54 -6.11
C GLY A 93 10.22 -12.42 -7.14
N ILE A 94 9.39 -13.19 -7.83
CA ILE A 94 9.82 -14.10 -8.89
C ILE A 94 9.65 -13.39 -10.23
N PRO A 95 10.64 -13.42 -11.11
CA PRO A 95 10.42 -12.84 -12.46
C PRO A 95 9.29 -13.57 -13.15
N HIS A 96 8.36 -12.78 -13.75
CA HIS A 96 7.32 -13.41 -14.56
C HIS A 96 7.81 -13.60 -16.00
N PRO A 97 7.47 -14.72 -16.62
CA PRO A 97 7.90 -14.92 -18.02
C PRO A 97 7.53 -13.79 -18.97
N ALA A 98 6.30 -13.26 -18.83
CA ALA A 98 5.79 -12.23 -19.73
C ALA A 98 6.64 -10.97 -19.71
N GLY A 99 7.49 -10.81 -18.70
CA GLY A 99 8.45 -9.74 -18.61
C GLY A 99 9.79 -10.04 -19.26
N LEU A 100 10.03 -11.27 -19.69
CA LEU A 100 11.32 -11.61 -20.28
C LEU A 100 11.37 -11.19 -21.75
N LYS A 101 12.58 -11.01 -22.25
CA LYS A 101 12.81 -10.69 -23.65
C LYS A 101 13.18 -11.94 -24.42
N LYS A 102 12.84 -11.94 -25.70
CA LYS A 102 13.22 -13.01 -26.62
C LYS A 102 14.73 -13.23 -26.60
N LYS A 103 15.14 -14.50 -26.56
CA LYS A 103 16.55 -14.89 -26.56
C LYS A 103 16.82 -15.87 -27.69
N LYS A 104 17.96 -15.69 -28.36
CA LYS A 104 18.35 -16.66 -29.39
C LYS A 104 18.92 -17.92 -28.77
N SER A 105 19.94 -17.78 -27.92
CA SER A 105 20.64 -18.91 -27.33
C SER A 105 20.50 -18.88 -25.82
N VAL A 106 20.19 -20.02 -25.23
CA VAL A 106 20.14 -20.15 -23.77
C VAL A 106 20.88 -21.43 -23.38
N THR A 107 22.02 -21.28 -22.70
CA THR A 107 22.81 -22.39 -22.17
C THR A 107 22.42 -22.68 -20.72
N VAL A 108 22.94 -23.79 -20.22
CA VAL A 108 22.68 -24.24 -18.86
C VAL A 108 23.93 -24.92 -18.31
N LEU A 109 24.66 -24.25 -17.42
CA LEU A 109 25.80 -24.90 -16.77
C LEU A 109 25.37 -25.59 -15.48
N ASP A 110 25.96 -26.75 -15.20
CA ASP A 110 25.84 -27.36 -13.88
C ASP A 110 26.71 -26.61 -12.88
N VAL A 111 26.15 -26.30 -11.71
CA VAL A 111 26.81 -25.53 -10.66
C VAL A 111 26.43 -26.18 -9.31
N GLY A 112 26.28 -27.50 -9.28
CA GLY A 112 26.10 -28.20 -8.03
C GLY A 112 27.35 -28.11 -7.16
N ALA A 114 27.60 -26.29 -3.68
CA ALA A 114 26.79 -25.10 -3.41
C ALA A 114 27.21 -24.41 -2.10
N TYR A 115 26.47 -24.72 -1.02
CA TYR A 115 26.74 -24.13 0.30
C TYR A 115 28.13 -24.48 0.83
N PHE A 116 28.57 -25.73 0.62
CA PHE A 116 29.85 -26.23 1.12
C PHE A 116 31.04 -25.70 0.31
N SER A 117 30.80 -24.83 -0.67
CA SER A 117 31.84 -24.14 -1.40
C SER A 117 31.98 -22.66 -1.02
N VAL A 118 31.24 -22.15 -0.05
CA VAL A 118 31.30 -20.74 0.33
C VAL A 118 31.74 -20.65 1.79
N PRO A 119 32.73 -19.84 2.11
CA PRO A 119 33.27 -19.83 3.47
C PRO A 119 32.32 -19.17 4.45
N LEU A 120 32.52 -19.52 5.72
CA LEU A 120 31.70 -19.04 6.80
C LEU A 120 32.56 -18.16 7.70
N ASP A 121 31.99 -17.02 8.09
CA ASP A 121 32.68 -16.04 8.91
C ASP A 121 33.40 -16.68 10.08
N GLU A 122 34.71 -16.39 10.19
CA GLU A 122 35.57 -17.03 11.19
C GLU A 122 35.04 -16.85 12.60
N ASP A 123 34.58 -15.63 12.92
CA ASP A 123 34.05 -15.41 14.27
C ASP A 123 32.77 -16.18 14.55
N PHE A 124 32.16 -16.79 13.53
CA PHE A 124 30.89 -17.50 13.73
C PHE A 124 31.02 -19.01 13.79
N ARG A 125 32.10 -19.58 13.25
CA ARG A 125 32.20 -21.04 13.10
C ARG A 125 31.96 -21.78 14.41
N LYS A 126 32.42 -21.21 15.53
CA LYS A 126 32.35 -21.92 16.81
C LYS A 126 30.92 -22.27 17.20
N TYR A 127 29.94 -21.47 16.76
CA TYR A 127 28.55 -21.74 17.11
C TYR A 127 27.96 -22.89 16.32
N THR A 128 28.68 -23.38 15.30
CA THR A 128 28.24 -24.51 14.47
C THR A 128 28.78 -25.84 14.98
N ALA A 129 29.45 -25.86 16.13
CA ALA A 129 30.02 -27.08 16.69
C ALA A 129 29.01 -28.20 16.79
N PHE A 130 29.44 -29.42 16.48
CA PHE A 130 28.60 -30.58 16.71
C PHE A 130 29.47 -31.77 17.14
N THR A 131 28.80 -32.82 17.59
CA THR A 131 29.45 -33.91 18.30
C THR A 131 28.98 -35.25 17.75
N ILE A 132 29.89 -36.03 17.17
CA ILE A 132 29.60 -37.43 16.88
C ILE A 132 29.73 -38.20 18.19
N PRO A 133 28.64 -38.73 18.73
CA PRO A 133 28.72 -39.42 20.02
C PRO A 133 29.47 -40.73 19.87
N SER A 134 30.14 -41.13 20.94
CA SER A 134 30.80 -42.43 20.95
C SER A 134 29.82 -43.55 21.27
N ILE A 135 30.31 -44.77 21.15
CA ILE A 135 29.46 -45.95 21.28
C ILE A 135 28.94 -46.07 22.71
N ASN A 136 27.66 -46.40 22.84
CA ASN A 136 26.92 -46.43 24.09
C ASN A 136 27.28 -45.24 24.98
N ASN A 137 27.64 -44.12 24.36
CA ASN A 137 27.85 -42.83 25.02
C ASN A 137 28.69 -42.94 26.29
N GLU A 138 29.95 -43.35 26.12
CA GLU A 138 30.86 -43.51 27.24
C GLU A 138 32.02 -42.52 27.18
N THR A 139 32.82 -42.51 26.10
CA THR A 139 33.82 -41.47 26.00
C THR A 139 33.22 -40.20 25.40
N PRO A 140 33.89 -39.05 25.57
CA PRO A 140 33.46 -37.87 24.83
C PRO A 140 33.65 -38.07 23.34
N GLY A 141 32.63 -37.68 22.58
CA GLY A 141 32.61 -37.90 21.14
C GLY A 141 33.61 -37.05 20.40
N ILE A 142 33.60 -37.19 19.07
CA ILE A 142 34.45 -36.35 18.23
C ILE A 142 33.68 -35.07 17.91
N ARG A 143 34.38 -33.95 17.95
CA ARG A 143 33.79 -32.64 17.86
C ARG A 143 34.32 -31.93 16.64
N TYR A 144 33.40 -31.43 15.80
CA TYR A 144 33.73 -30.66 14.61
C TYR A 144 33.05 -29.30 14.65
N GLN A 145 33.49 -28.42 13.76
CA GLN A 145 32.79 -27.20 13.46
C GLN A 145 32.87 -26.97 11.95
N TYR A 146 31.95 -26.16 11.45
CA TYR A 146 31.92 -25.87 10.02
C TYR A 146 32.86 -24.72 9.68
N ASN A 147 33.44 -24.80 8.49
CA ASN A 147 34.16 -23.68 7.90
C ASN A 147 33.41 -23.06 6.74
N VAL A 148 32.39 -23.74 6.22
CA VAL A 148 31.60 -23.26 5.11
C VAL A 148 30.14 -23.02 5.52
N LEU A 149 29.30 -22.60 4.56
CA LEU A 149 27.89 -22.41 4.85
C LEU A 149 27.22 -23.75 5.13
N PRO A 150 26.69 -23.97 6.33
CA PRO A 150 26.11 -25.28 6.63
C PRO A 150 24.73 -25.41 6.01
N GLN A 151 24.42 -26.61 5.56
CA GLN A 151 23.09 -26.85 5.03
C GLN A 151 22.08 -26.84 6.18
N GLY A 152 21.02 -26.05 6.02
CA GLY A 152 19.96 -25.96 7.00
C GLY A 152 20.04 -24.77 7.95
N TRP A 153 21.18 -24.09 8.00
CA TRP A 153 21.33 -22.87 8.77
C TRP A 153 20.61 -21.70 8.09
N LYS A 154 20.09 -20.81 8.92
CA LYS A 154 19.26 -19.68 8.49
C LYS A 154 19.98 -18.74 7.52
N GLY A 155 21.28 -18.53 7.73
CA GLY A 155 22.04 -17.57 6.94
C GLY A 155 22.54 -18.06 5.59
N SER A 156 22.39 -19.35 5.30
CA SER A 156 23.06 -19.94 4.14
C SER A 156 22.49 -19.43 2.83
N PRO A 157 21.18 -19.51 2.57
CA PRO A 157 20.70 -19.03 1.26
C PRO A 157 21.08 -17.57 1.00
N ALA A 158 20.94 -16.70 2.00
CA ALA A 158 21.23 -15.29 1.80
C ALA A 158 22.70 -15.06 1.52
N ILE A 159 23.58 -15.76 2.24
CA ILE A 159 25.00 -15.48 2.08
C ILE A 159 25.54 -16.13 0.81
N PHE A 160 24.96 -17.28 0.43
CA PHE A 160 25.32 -17.91 -0.83
C PHE A 160 24.93 -17.04 -2.02
N GLN A 161 23.69 -16.52 -2.04
CA GLN A 161 23.26 -15.74 -3.19
C GLN A 161 24.02 -14.43 -3.29
N SER A 162 24.29 -13.81 -2.15
CA SER A 162 25.15 -12.64 -2.14
C SER A 162 26.56 -12.96 -2.66
N SER A 163 27.14 -14.10 -2.23
CA SER A 163 28.44 -14.51 -2.76
C SER A 163 28.35 -14.76 -4.26
N MET A 164 27.34 -15.53 -4.70
CA MET A 164 27.19 -15.78 -6.12
C MET A 164 26.99 -14.49 -6.93
N THR A 165 26.52 -13.42 -6.28
CA THR A 165 26.28 -12.20 -7.02
C THR A 165 27.57 -11.41 -7.18
N LYS A 166 28.41 -11.36 -6.16
CA LYS A 166 29.68 -10.64 -6.26
C LYS A 166 30.62 -11.33 -7.24
N ILE A 167 30.57 -12.67 -7.29
CA ILE A 167 31.42 -13.40 -8.22
C ILE A 167 31.03 -13.08 -9.66
N LEU A 168 29.73 -13.05 -9.94
CA LEU A 168 29.26 -12.78 -11.28
C LEU A 168 29.49 -11.33 -11.71
N GLU A 169 29.58 -10.39 -10.77
CA GLU A 169 29.58 -8.99 -11.14
C GLU A 169 30.67 -8.63 -12.13
N PRO A 170 31.95 -9.01 -11.94
CA PRO A 170 32.94 -8.81 -13.01
C PRO A 170 32.45 -9.23 -14.39
N PHE A 171 32.04 -10.50 -14.54
CA PHE A 171 31.54 -10.97 -15.83
C PHE A 171 30.30 -10.21 -16.30
N ARG A 172 29.45 -9.79 -15.37
CA ARG A 172 28.23 -9.09 -15.79
C ARG A 172 28.49 -7.69 -16.32
N LYS A 173 29.67 -7.12 -16.07
CA LYS A 173 29.96 -5.81 -16.69
C LYS A 173 30.73 -5.95 -18.00
N GLN A 174 31.69 -6.86 -18.07
CA GLN A 174 32.31 -7.14 -19.35
C GLN A 174 31.33 -7.76 -20.36
N ASN A 175 30.10 -8.08 -19.95
CA ASN A 175 29.10 -8.65 -20.85
C ASN A 175 27.71 -8.12 -20.50
N PRO A 176 27.52 -6.80 -20.54
CA PRO A 176 26.24 -6.23 -20.06
C PRO A 176 25.03 -6.63 -20.90
N ASP A 177 25.29 -7.36 -21.99
CA ASP A 177 24.26 -7.79 -22.94
C ASP A 177 23.83 -9.24 -22.71
N ILE A 178 24.36 -9.90 -21.70
CA ILE A 178 24.10 -11.31 -21.45
C ILE A 178 23.37 -11.40 -20.12
N VAL A 179 22.29 -12.19 -20.10
CA VAL A 179 21.53 -12.38 -18.87
C VAL A 179 21.89 -13.73 -18.27
N ILE A 180 22.13 -13.73 -16.96
CA ILE A 180 22.41 -14.94 -16.20
C ILE A 180 21.45 -15.05 -15.03
N TYR A 181 20.86 -16.24 -14.86
CA TYR A 181 19.88 -16.50 -13.81
C TYR A 181 20.15 -17.88 -13.22
N GLN A 182 19.79 -18.02 -11.95
CA GLN A 182 20.12 -19.14 -11.08
C GLN A 182 18.87 -19.96 -10.81
N TYR A 183 18.81 -21.18 -11.34
CA TYR A 183 17.68 -22.06 -11.06
C TYR A 183 18.21 -23.40 -10.56
N MET A 184 18.02 -23.65 -9.27
CA MET A 184 18.39 -24.90 -8.60
C MET A 184 19.90 -25.15 -8.75
N ASP A 185 20.29 -26.20 -9.48
CA ASP A 185 21.67 -26.59 -9.71
C ASP A 185 22.20 -26.17 -11.07
N ASP A 186 21.37 -25.56 -11.88
CA ASP A 186 21.73 -25.05 -13.19
C ASP A 186 21.74 -23.52 -13.19
N LEU A 187 22.73 -22.95 -13.88
CA LEU A 187 22.78 -21.53 -14.20
C LEU A 187 22.35 -21.35 -15.65
N TYR A 188 21.33 -20.52 -15.87
CA TYR A 188 20.79 -20.27 -17.20
C TYR A 188 21.40 -18.96 -17.72
N VAL A 189 22.01 -19.07 -18.88
CA VAL A 189 22.75 -17.96 -19.49
C VAL A 189 22.17 -17.73 -20.87
N GLY A 190 21.78 -16.50 -21.13
CA GLY A 190 21.03 -16.18 -22.33
C GLY A 190 21.67 -15.02 -23.05
N SER A 191 21.65 -15.09 -24.37
CA SER A 191 22.24 -14.05 -25.17
C SER A 191 21.52 -14.01 -26.51
N ASP A 192 21.72 -12.91 -27.23
CA ASP A 192 21.29 -12.79 -28.62
C ASP A 192 22.46 -13.03 -29.58
N LEU A 193 23.35 -13.95 -29.20
CA LEU A 193 24.45 -14.40 -30.03
C LEU A 193 24.13 -15.78 -30.57
N GLU A 194 24.75 -16.14 -31.70
CA GLU A 194 24.56 -17.47 -32.23
C GLU A 194 25.54 -18.45 -31.60
N ILE A 195 25.26 -19.73 -31.79
CA ILE A 195 25.81 -20.80 -30.96
C ILE A 195 27.33 -20.72 -30.89
N GLY A 196 27.97 -20.36 -32.01
CA GLY A 196 29.41 -20.14 -32.00
C GLY A 196 29.83 -19.11 -30.97
N GLN A 197 29.51 -17.83 -31.20
CA GLN A 197 29.91 -16.79 -30.28
C GLN A 197 29.29 -16.96 -28.89
N HIS A 198 28.16 -17.66 -28.82
CA HIS A 198 27.48 -17.84 -27.54
C HIS A 198 28.32 -18.71 -26.60
N ARG A 199 28.66 -19.93 -27.04
CA ARG A 199 29.39 -20.85 -26.17
C ARG A 199 30.88 -20.53 -26.05
N THR A 200 31.40 -19.60 -26.85
CA THR A 200 32.69 -19.01 -26.49
C THR A 200 32.56 -18.20 -25.20
N LYS A 201 31.54 -17.31 -25.13
CA LYS A 201 31.32 -16.52 -23.92
C LYS A 201 30.84 -17.37 -22.77
N ILE A 202 30.16 -18.48 -23.05
CA ILE A 202 29.90 -19.49 -22.03
C ILE A 202 31.20 -19.99 -21.42
N GLU A 203 32.21 -20.27 -22.28
CA GLU A 203 33.48 -20.78 -21.80
C GLU A 203 34.14 -19.81 -20.83
N GLU A 204 34.29 -18.54 -21.23
CA GLU A 204 34.97 -17.57 -20.37
C GLU A 204 34.24 -17.37 -19.06
N LEU A 205 32.91 -17.48 -19.05
CA LEU A 205 32.17 -17.43 -17.80
C LEU A 205 32.55 -18.62 -16.91
N ARG A 206 32.54 -19.83 -17.48
CA ARG A 206 32.91 -21.03 -16.72
C ARG A 206 34.37 -20.99 -16.28
N GLN A 207 35.25 -20.44 -17.13
CA GLN A 207 36.60 -20.13 -16.66
C GLN A 207 36.55 -19.18 -15.49
N HIS A 208 35.76 -18.11 -15.60
CA HIS A 208 35.67 -17.15 -14.51
C HIS A 208 35.08 -17.83 -13.26
N LEU A 209 34.12 -18.73 -13.42
CA LEU A 209 33.58 -19.41 -12.26
C LEU A 209 34.65 -20.31 -11.63
N LEU A 210 35.42 -21.00 -12.45
CA LEU A 210 36.48 -21.92 -11.95
C LEU A 210 37.49 -21.15 -11.10
N ARG A 211 37.78 -19.89 -11.46
CA ARG A 211 38.77 -19.08 -10.72
C ARG A 211 38.24 -18.76 -9.32
N TRP A 212 36.93 -18.88 -9.11
CA TRP A 212 36.31 -18.51 -7.82
C TRP A 212 35.91 -19.79 -7.08
N GLY A 213 36.28 -20.94 -7.63
CA GLY A 213 36.13 -22.18 -6.91
C GLY A 213 34.78 -22.79 -7.15
N LEU A 214 34.36 -22.84 -8.42
CA LEU A 214 33.02 -23.31 -8.78
C LEU A 214 33.10 -24.18 -10.04
N THR A 215 32.67 -25.43 -9.89
CA THR A 215 32.81 -26.48 -10.89
C THR A 215 31.63 -26.50 -11.87
N THR A 216 31.93 -26.52 -13.17
CA THR A 216 30.90 -26.66 -14.21
C THR A 216 31.38 -27.63 -15.29
N PRO A 217 30.92 -28.89 -15.27
CA PRO A 217 31.11 -29.88 -16.34
C PRO A 217 30.70 -29.37 -17.72
N LYS A 223 21.18 -28.77 -20.86
CA LYS A 223 19.74 -28.78 -21.07
C LYS A 223 19.37 -27.97 -22.31
N GLU A 224 18.36 -28.46 -23.03
CA GLU A 224 17.81 -27.84 -24.22
C GLU A 224 16.39 -27.32 -23.95
N PRO A 225 15.96 -26.26 -24.65
CA PRO A 225 14.58 -25.84 -24.53
C PRO A 225 13.65 -26.95 -25.00
N PRO A 226 12.43 -27.00 -24.45
CA PRO A 226 11.89 -26.10 -23.44
C PRO A 226 12.31 -26.39 -22.01
N PHE A 227 12.75 -25.33 -21.32
CA PHE A 227 13.11 -25.40 -19.91
C PHE A 227 11.87 -25.34 -19.04
N LEU A 228 11.76 -26.30 -18.13
CA LEU A 228 10.65 -26.36 -17.19
C LEU A 228 11.08 -25.66 -15.90
N TRP A 229 10.42 -24.56 -15.58
CA TRP A 229 10.90 -23.72 -14.49
C TRP A 229 9.75 -23.06 -13.76
N MET A 230 9.69 -23.27 -12.44
CA MET A 230 8.80 -22.50 -11.59
C MET A 230 7.33 -22.66 -12.02
N GLY A 231 7.00 -23.81 -12.64
CA GLY A 231 5.69 -24.06 -13.20
C GLY A 231 5.52 -23.64 -14.65
N TYR A 232 6.50 -22.95 -15.20
CA TYR A 232 6.38 -22.44 -16.55
C TYR A 232 7.22 -23.30 -17.49
N GLU A 233 6.90 -23.17 -18.77
CA GLU A 233 7.62 -23.82 -19.86
C GLU A 233 8.22 -22.70 -20.71
N LEU A 234 9.52 -22.48 -20.57
CA LEU A 234 10.23 -21.46 -21.35
C LEU A 234 10.77 -22.03 -22.66
N HIS A 235 10.41 -21.40 -23.77
CA HIS A 235 10.93 -21.69 -25.11
C HIS A 235 11.66 -20.43 -25.55
N PRO A 236 12.46 -20.46 -26.63
CA PRO A 236 13.24 -19.26 -26.98
C PRO A 236 12.39 -18.08 -27.41
N ASP A 237 11.24 -18.32 -28.05
CA ASP A 237 10.40 -17.26 -28.59
C ASP A 237 9.02 -17.18 -27.93
N LYS A 238 8.70 -18.07 -26.99
CA LYS A 238 7.40 -18.08 -26.37
C LYS A 238 7.50 -18.76 -25.00
N TRP A 239 6.39 -18.76 -24.27
CA TRP A 239 6.34 -19.30 -22.91
C TRP A 239 4.92 -19.74 -22.66
N THR A 240 4.75 -20.71 -21.77
CA THR A 240 3.42 -21.09 -21.31
C THR A 240 3.53 -21.71 -19.92
N VAL A 241 2.42 -22.15 -19.42
CA VAL A 241 2.39 -22.83 -18.12
C VAL A 241 2.56 -24.31 -18.41
N GLN A 242 3.29 -25.03 -17.55
CA GLN A 242 3.53 -26.42 -17.88
C GLN A 242 2.24 -27.22 -17.71
N PRO A 243 2.07 -28.28 -18.52
CA PRO A 243 0.73 -28.74 -18.88
C PRO A 243 -0.22 -28.98 -17.71
N ILE A 244 -1.46 -28.51 -17.90
CA ILE A 244 -2.53 -28.63 -16.92
C ILE A 244 -3.43 -29.77 -17.37
N VAL A 245 -3.50 -30.84 -16.59
CA VAL A 245 -4.47 -31.89 -16.87
C VAL A 245 -5.51 -31.91 -15.76
N LEU A 246 -6.78 -31.81 -16.18
CA LEU A 246 -7.90 -31.76 -15.25
C LEU A 246 -8.46 -33.17 -15.09
N PRO A 247 -8.47 -33.73 -13.87
CA PRO A 247 -8.99 -35.08 -13.68
C PRO A 247 -10.40 -35.33 -14.20
N GLU A 248 -10.80 -36.59 -14.31
CA GLU A 248 -12.14 -36.92 -14.80
C GLU A 248 -12.85 -37.77 -13.75
N LYS A 249 -12.93 -37.23 -12.53
CA LYS A 249 -13.40 -38.02 -11.39
C LYS A 249 -14.90 -38.22 -11.43
N ASP A 250 -15.33 -39.44 -11.12
CA ASP A 250 -16.72 -39.68 -10.74
C ASP A 250 -17.11 -38.81 -9.55
N SER A 251 -16.25 -38.74 -8.54
CA SER A 251 -16.57 -38.08 -7.29
C SER A 251 -15.43 -37.15 -6.90
N TRP A 252 -15.79 -35.98 -6.37
CA TRP A 252 -14.84 -34.94 -6.02
C TRP A 252 -14.78 -34.75 -4.52
N THR A 253 -13.57 -34.84 -3.96
CA THR A 253 -13.32 -34.46 -2.58
C THR A 253 -12.93 -32.98 -2.51
N VAL A 254 -13.10 -32.39 -1.31
CA VAL A 254 -12.57 -31.06 -1.00
C VAL A 254 -11.14 -30.95 -1.51
N ASN A 255 -10.34 -32.00 -1.24
CA ASN A 255 -8.93 -32.01 -1.62
C ASN A 255 -8.78 -31.93 -3.14
N ASP A 256 -9.62 -32.66 -3.89
CA ASP A 256 -9.56 -32.59 -5.35
C ASP A 256 -9.96 -31.22 -5.88
N ILE A 257 -10.98 -30.60 -5.26
CA ILE A 257 -11.44 -29.31 -5.77
C ILE A 257 -10.43 -28.20 -5.44
N GLN A 258 -9.76 -28.29 -4.29
CA GLN A 258 -8.72 -27.33 -3.96
C GLN A 258 -7.57 -27.42 -4.97
N LYS A 259 -7.11 -28.64 -5.24
CA LYS A 259 -6.02 -28.80 -6.20
C LYS A 259 -6.44 -28.36 -7.59
N LEU A 260 -7.71 -28.54 -7.95
CA LEU A 260 -8.21 -28.12 -9.26
C LEU A 260 -8.34 -26.59 -9.37
N VAL A 261 -8.78 -25.94 -8.29
CA VAL A 261 -8.85 -24.49 -8.28
C VAL A 261 -7.45 -23.88 -8.41
N GLY A 262 -6.46 -24.44 -7.70
CA GLY A 262 -5.09 -24.00 -7.85
C GLY A 262 -4.58 -24.14 -9.29
N LYS A 263 -4.95 -25.24 -9.95
CA LYS A 263 -4.47 -25.46 -11.32
C LYS A 263 -5.15 -24.51 -12.31
N LEU A 264 -6.44 -24.27 -12.12
CA LEU A 264 -7.12 -23.31 -12.99
C LEU A 264 -6.61 -21.90 -12.75
N ASN A 265 -6.40 -21.55 -11.47
CA ASN A 265 -5.80 -20.26 -11.15
C ASN A 265 -4.44 -20.12 -11.80
N TRP A 266 -3.64 -21.18 -11.77
CA TRP A 266 -2.32 -21.11 -12.38
C TRP A 266 -2.44 -20.95 -13.89
N ALA A 267 -3.37 -21.68 -14.52
CA ALA A 267 -3.58 -21.62 -15.97
C ALA A 267 -4.10 -20.27 -16.42
N SER A 268 -4.83 -19.56 -15.56
CA SER A 268 -5.40 -18.27 -15.94
C SER A 268 -4.33 -17.24 -16.34
N GLN A 269 -3.05 -17.47 -16.05
CA GLN A 269 -2.01 -16.53 -16.48
C GLN A 269 -1.84 -16.45 -17.99
N ILE A 270 -2.26 -17.48 -18.74
CA ILE A 270 -2.08 -17.43 -20.19
C ILE A 270 -3.32 -17.92 -20.95
N TYR A 271 -4.17 -18.73 -20.31
CA TYR A 271 -5.42 -19.17 -20.91
C TYR A 271 -6.53 -18.18 -20.58
N PRO A 272 -7.02 -17.40 -21.56
CA PRO A 272 -7.98 -16.32 -21.22
C PRO A 272 -9.32 -16.89 -20.84
N GLY A 273 -10.00 -16.15 -19.95
CA GLY A 273 -11.38 -16.44 -19.58
C GLY A 273 -11.59 -17.58 -18.62
N ILE A 274 -10.54 -18.10 -17.97
CA ILE A 274 -10.73 -19.17 -16.99
C ILE A 274 -11.59 -18.64 -15.85
N LYS A 275 -12.56 -19.46 -15.41
CA LYS A 275 -13.48 -19.12 -14.34
C LYS A 275 -13.35 -20.16 -13.23
N VAL A 276 -13.33 -19.70 -11.97
CA VAL A 276 -13.27 -20.59 -10.81
C VAL A 276 -14.30 -20.25 -9.76
N ARG A 277 -15.13 -19.22 -9.99
CA ARG A 277 -16.13 -18.78 -9.00
C ARG A 277 -17.03 -19.92 -8.53
N GLN A 278 -17.66 -20.62 -9.47
CA GLN A 278 -18.61 -21.67 -9.09
C GLN A 278 -17.91 -22.83 -8.40
N LEU A 279 -16.66 -23.11 -8.78
CA LEU A 279 -15.93 -24.19 -8.12
C LEU A 279 -15.50 -23.77 -6.72
N CYS A 280 -15.10 -22.51 -6.53
CA CYS A 280 -14.74 -22.03 -5.21
C CYS A 280 -15.92 -22.01 -4.25
N LYS A 281 -17.13 -21.73 -4.76
CA LYS A 281 -18.29 -21.62 -3.88
C LYS A 281 -18.57 -22.95 -3.17
N LEU A 282 -18.20 -24.08 -3.77
CA LEU A 282 -18.36 -25.36 -3.08
C LEU A 282 -17.41 -25.51 -1.90
N LEU A 283 -16.30 -24.80 -1.89
CA LEU A 283 -15.32 -24.95 -0.82
C LEU A 283 -15.67 -24.15 0.44
N ARG A 284 -16.80 -23.44 0.45
CA ARG A 284 -17.17 -22.63 1.61
C ARG A 284 -17.93 -23.49 2.62
N GLY A 285 -17.70 -23.19 3.90
CA GLY A 285 -18.12 -24.08 4.96
C GLY A 285 -17.07 -25.15 5.21
N THR A 286 -16.14 -24.85 6.13
CA THR A 286 -15.02 -25.72 6.49
C THR A 286 -15.43 -27.18 6.68
N LYS A 287 -15.00 -28.07 5.79
CA LYS A 287 -15.28 -29.49 5.93
C LYS A 287 -14.01 -30.31 5.70
N ALA A 288 -14.10 -31.60 5.97
CA ALA A 288 -12.92 -32.45 5.92
C ALA A 288 -12.34 -32.52 4.49
N LEU A 289 -11.00 -32.60 4.42
CA LEU A 289 -10.32 -32.75 3.12
C LEU A 289 -10.79 -33.99 2.35
N THR A 290 -11.14 -35.05 3.07
CA THR A 290 -11.53 -36.31 2.46
C THR A 290 -12.99 -36.33 2.03
N GLU A 291 -13.79 -35.37 2.46
CA GLU A 291 -15.22 -35.43 2.22
C GLU A 291 -15.55 -35.14 0.75
N VAL A 292 -16.58 -35.83 0.25
CA VAL A 292 -17.01 -35.71 -1.14
C VAL A 292 -18.05 -34.59 -1.25
N ILE A 293 -17.94 -33.77 -2.29
CA ILE A 293 -18.86 -32.67 -2.53
C ILE A 293 -19.51 -32.90 -3.89
N PRO A 294 -20.82 -33.06 -3.95
CA PRO A 294 -21.50 -33.10 -5.25
C PRO A 294 -21.38 -31.75 -5.94
N LEU A 295 -21.16 -31.79 -7.26
CA LEU A 295 -21.03 -30.56 -8.02
C LEU A 295 -22.42 -30.01 -8.34
N THR A 296 -22.69 -28.78 -7.90
CA THR A 296 -23.87 -28.06 -8.38
C THR A 296 -23.83 -27.99 -9.91
N GLU A 297 -24.97 -27.63 -10.53
CA GLU A 297 -24.97 -27.59 -11.98
C GLU A 297 -24.16 -26.41 -12.50
N GLU A 298 -24.09 -25.31 -11.73
CA GLU A 298 -23.23 -24.19 -12.11
C GLU A 298 -21.77 -24.61 -12.15
N ALA A 299 -21.29 -25.27 -11.09
CA ALA A 299 -19.92 -25.74 -11.06
C ALA A 299 -19.63 -26.72 -12.18
N GLU A 300 -20.64 -27.44 -12.67
CA GLU A 300 -20.43 -28.39 -13.76
C GLU A 300 -20.38 -27.65 -15.09
N LEU A 301 -21.15 -26.58 -15.23
CA LEU A 301 -21.05 -25.74 -16.43
C LEU A 301 -19.75 -24.96 -16.42
N GLU A 302 -19.30 -24.51 -15.25
CA GLU A 302 -18.00 -23.85 -15.16
C GLU A 302 -16.87 -24.83 -15.46
N LEU A 303 -16.89 -26.02 -14.86
CA LEU A 303 -15.91 -27.04 -15.19
C LEU A 303 -15.92 -27.36 -16.68
N ALA A 304 -17.12 -27.43 -17.27
CA ALA A 304 -17.24 -27.75 -18.70
C ALA A 304 -16.61 -26.67 -19.56
N GLU A 305 -16.91 -25.41 -19.24
CA GLU A 305 -16.32 -24.28 -19.95
C GLU A 305 -14.80 -24.24 -19.81
N ASN A 306 -14.27 -24.55 -18.62
CA ASN A 306 -12.82 -24.53 -18.45
C ASN A 306 -12.15 -25.58 -19.32
N ARG A 307 -12.79 -26.74 -19.46
CA ARG A 307 -12.21 -27.80 -20.27
C ARG A 307 -12.12 -27.40 -21.73
N GLU A 308 -13.13 -26.68 -22.24
CA GLU A 308 -13.04 -26.23 -23.62
C GLU A 308 -11.90 -25.22 -23.79
N ILE A 309 -11.75 -24.31 -22.82
CA ILE A 309 -10.68 -23.33 -22.88
C ILE A 309 -9.33 -24.03 -22.93
N LEU A 310 -9.19 -25.14 -22.21
CA LEU A 310 -7.91 -25.82 -22.07
C LEU A 310 -7.63 -26.88 -23.12
N LYS A 311 -8.64 -27.23 -23.95
CA LYS A 311 -8.49 -28.29 -24.95
C LYS A 311 -7.23 -28.09 -25.80
N GLU A 312 -7.12 -26.92 -26.49
CA GLU A 312 -5.90 -26.74 -27.25
C GLU A 312 -4.90 -25.85 -26.49
N PRO A 313 -3.62 -26.09 -26.67
CA PRO A 313 -2.62 -25.26 -25.98
C PRO A 313 -2.53 -23.84 -26.51
N VAL A 314 -2.17 -22.94 -25.59
CA VAL A 314 -1.93 -21.52 -25.87
C VAL A 314 -0.53 -21.20 -25.37
N HIS A 315 0.05 -20.14 -25.92
CA HIS A 315 1.33 -19.68 -25.43
C HIS A 315 1.32 -18.17 -25.29
N GLY A 316 2.27 -17.68 -24.50
CA GLY A 316 2.54 -16.26 -24.38
C GLY A 316 3.77 -15.88 -25.17
N VAL A 317 3.80 -14.63 -25.62
CA VAL A 317 4.97 -14.07 -26.26
C VAL A 317 5.76 -13.29 -25.21
N TYR A 318 6.97 -12.87 -25.58
CA TYR A 318 7.84 -12.14 -24.69
C TYR A 318 7.70 -10.66 -24.96
N TYR A 319 8.41 -9.87 -24.18
CA TYR A 319 8.25 -8.43 -24.14
C TYR A 319 9.19 -7.78 -25.13
N ASP A 320 8.63 -6.88 -25.94
CA ASP A 320 9.40 -5.97 -26.77
C ASP A 320 9.45 -4.62 -26.06
N PRO A 321 10.59 -4.21 -25.51
CA PRO A 321 10.65 -2.92 -24.79
C PRO A 321 10.39 -1.70 -25.65
N SER A 322 10.39 -1.83 -26.97
CA SER A 322 10.22 -0.68 -27.84
C SER A 322 8.75 -0.33 -28.12
N LYS A 323 7.82 -1.16 -27.68
CA LYS A 323 6.40 -0.96 -27.99
C LYS A 323 5.61 -0.78 -26.71
N ASP A 324 4.43 -0.19 -26.87
CA ASP A 324 3.49 0.01 -25.77
C ASP A 324 2.84 -1.31 -25.34
N LEU A 325 2.39 -1.33 -24.10
CA LEU A 325 1.52 -2.41 -23.61
C LEU A 325 0.07 -1.96 -23.72
N ILE A 326 -0.78 -2.86 -24.21
CA ILE A 326 -2.22 -2.63 -24.28
C ILE A 326 -2.85 -3.58 -23.29
N ALA A 327 -3.74 -3.08 -22.45
CA ALA A 327 -4.47 -3.93 -21.52
C ALA A 327 -5.94 -3.83 -21.85
N GLU A 328 -6.59 -4.98 -22.01
CA GLU A 328 -8.02 -5.08 -22.27
C GLU A 328 -8.68 -5.80 -21.11
N ILE A 329 -9.84 -5.32 -20.69
CA ILE A 329 -10.61 -5.94 -19.61
C ILE A 329 -12.01 -6.24 -20.14
N GLN A 330 -12.51 -7.46 -19.90
CA GLN A 330 -13.91 -7.78 -20.16
C GLN A 330 -14.62 -8.16 -18.87
N LYS A 331 -15.89 -7.75 -18.77
CA LYS A 331 -16.78 -8.20 -17.72
C LYS A 331 -17.29 -9.61 -18.04
N GLN A 332 -17.10 -10.54 -17.12
CA GLN A 332 -17.54 -11.91 -17.24
C GLN A 332 -18.77 -12.16 -16.37
N GLY A 333 -19.18 -11.17 -15.60
CA GLY A 333 -20.41 -11.24 -14.84
C GLY A 333 -20.19 -11.69 -13.42
N GLN A 334 -21.06 -11.24 -12.54
CA GLN A 334 -21.04 -11.60 -11.12
C GLN A 334 -19.66 -11.38 -10.52
N GLY A 335 -19.20 -10.13 -10.58
CA GLY A 335 -17.96 -9.71 -9.95
C GLY A 335 -16.70 -10.33 -10.53
N GLN A 336 -16.82 -10.97 -11.69
CA GLN A 336 -15.73 -11.67 -12.34
C GLN A 336 -15.23 -10.88 -13.54
N TRP A 337 -13.97 -10.50 -13.51
CA TRP A 337 -13.35 -9.76 -14.60
C TRP A 337 -12.17 -10.54 -15.14
N THR A 338 -11.90 -10.32 -16.41
CA THR A 338 -10.85 -11.03 -17.11
C THR A 338 -10.08 -10.00 -17.92
N TYR A 339 -8.80 -10.23 -18.15
CA TYR A 339 -8.01 -9.22 -18.86
C TYR A 339 -6.87 -9.87 -19.64
N GLN A 340 -6.48 -9.19 -20.71
CA GLN A 340 -5.35 -9.60 -21.53
C GLN A 340 -4.41 -8.42 -21.72
N ILE A 341 -3.12 -8.72 -21.79
CA ILE A 341 -2.10 -7.72 -22.10
C ILE A 341 -1.34 -8.19 -23.33
N TYR A 342 -1.28 -7.35 -24.34
CA TYR A 342 -0.57 -7.66 -25.57
C TYR A 342 0.16 -6.40 -26.02
N GLN A 343 1.07 -6.55 -26.97
CA GLN A 343 1.67 -5.39 -27.63
C GLN A 343 1.27 -5.28 -29.08
N GLU A 344 1.08 -6.41 -29.75
CA GLU A 344 0.48 -6.49 -31.05
C GLU A 344 -0.79 -7.32 -30.93
N PRO A 345 -1.93 -6.85 -31.46
CA PRO A 345 -3.17 -7.63 -31.33
C PRO A 345 -3.15 -8.85 -32.23
N PHE A 346 -3.53 -10.00 -31.70
CA PHE A 346 -3.86 -10.20 -30.30
C PHE A 346 -2.92 -11.27 -29.73
N LYS A 347 -1.62 -10.98 -29.72
CA LYS A 347 -0.57 -11.90 -29.27
C LYS A 347 -0.26 -11.57 -27.82
N ASN A 348 -0.79 -12.38 -26.91
CA ASN A 348 -0.77 -12.05 -25.49
C ASN A 348 0.60 -12.28 -24.87
N LEU A 349 1.08 -11.29 -24.12
CA LEU A 349 2.14 -11.54 -23.17
C LEU A 349 1.61 -12.25 -21.94
N LYS A 350 0.36 -11.95 -21.58
CA LYS A 350 -0.14 -12.35 -20.27
C LYS A 350 -1.65 -12.18 -20.27
N THR A 351 -2.33 -13.01 -19.50
CA THR A 351 -3.72 -12.82 -19.19
C THR A 351 -3.91 -12.90 -17.68
N GLY A 352 -5.15 -12.65 -17.25
CA GLY A 352 -5.45 -12.85 -15.85
C GLY A 352 -6.91 -12.62 -15.57
N LYS A 353 -7.24 -12.65 -14.28
CA LYS A 353 -8.60 -12.41 -13.84
C LYS A 353 -8.58 -11.62 -12.55
N TYR A 354 -9.67 -10.92 -12.30
CA TYR A 354 -9.87 -10.13 -11.10
C TYR A 354 -11.28 -10.42 -10.64
N ALA A 355 -11.43 -10.85 -9.40
CA ALA A 355 -12.75 -11.25 -8.90
C ALA A 355 -12.83 -10.99 -7.41
N ARG A 356 -12.51 -9.78 -7.00
CA ARG A 356 -12.52 -9.42 -5.60
C ARG A 356 -13.78 -8.63 -5.26
N MET A 357 -14.40 -8.96 -4.12
CA MET A 357 -15.39 -8.07 -3.51
C MET A 357 -14.65 -7.13 -2.56
N ARG A 358 -14.32 -5.93 -3.02
CA ARG A 358 -13.84 -4.88 -2.12
C ARG A 358 -15.05 -4.05 -1.74
N GLY A 359 -15.51 -4.20 -0.49
CA GLY A 359 -16.74 -3.60 -0.04
C GLY A 359 -17.88 -4.61 0.07
N ALA A 360 -18.86 -4.26 0.92
CA ALA A 360 -20.10 -5.04 0.97
C ALA A 360 -21.02 -4.71 -0.22
N HIS A 361 -20.89 -3.52 -0.78
CA HIS A 361 -21.74 -3.13 -1.91
C HIS A 361 -20.88 -2.33 -2.88
N THR A 362 -20.89 -2.74 -4.14
CA THR A 362 -20.19 -2.02 -5.19
C THR A 362 -21.07 -1.94 -6.41
N ASN A 363 -20.59 -1.19 -7.37
CA ASN A 363 -21.11 -1.25 -8.72
C ASN A 363 -19.98 -1.66 -9.66
N ASP A 364 -20.34 -1.93 -10.92
CA ASP A 364 -19.37 -2.30 -11.94
C ASP A 364 -18.37 -1.20 -12.21
N VAL A 365 -18.70 0.06 -11.94
CA VAL A 365 -17.71 1.10 -12.19
C VAL A 365 -16.61 1.07 -11.14
N LYS A 366 -16.97 0.88 -9.87
CA LYS A 366 -15.93 0.75 -8.84
C LYS A 366 -15.11 -0.52 -9.08
N GLN A 367 -15.76 -1.60 -9.51
CA GLN A 367 -15.05 -2.85 -9.69
C GLN A 367 -14.11 -2.78 -10.89
N LEU A 368 -14.51 -2.07 -11.93
CA LEU A 368 -13.65 -1.90 -13.10
C LEU A 368 -12.43 -1.06 -12.77
N THR A 369 -12.59 -0.04 -11.93
CA THR A 369 -11.48 0.80 -11.53
C THR A 369 -10.52 0.06 -10.60
N GLU A 370 -11.06 -0.78 -9.71
CA GLU A 370 -10.20 -1.58 -8.87
C GLU A 370 -9.35 -2.53 -9.71
N ALA A 371 -9.98 -3.16 -10.74
CA ALA A 371 -9.30 -4.03 -11.69
C ALA A 371 -8.21 -3.29 -12.48
N VAL A 372 -8.50 -2.08 -12.95
CA VAL A 372 -7.49 -1.29 -13.62
C VAL A 372 -6.34 -0.96 -12.67
N GLN A 373 -6.65 -0.76 -11.38
CA GLN A 373 -5.60 -0.48 -10.43
C GLN A 373 -4.71 -1.71 -10.21
N LYS A 374 -5.32 -2.89 -10.13
CA LYS A 374 -4.55 -4.11 -9.95
C LYS A 374 -3.70 -4.42 -11.18
N ILE A 375 -4.23 -4.20 -12.39
CA ILE A 375 -3.44 -4.41 -13.59
C ILE A 375 -2.32 -3.39 -13.67
N THR A 376 -2.57 -2.14 -13.28
CA THR A 376 -1.53 -1.12 -13.36
C THR A 376 -0.33 -1.50 -12.50
N THR A 377 -0.56 -1.86 -11.24
CA THR A 377 0.51 -2.26 -10.34
C THR A 377 1.29 -3.44 -10.90
N GLU A 378 0.58 -4.44 -11.42
CA GLU A 378 1.20 -5.62 -11.99
C GLU A 378 2.07 -5.25 -13.19
N SER A 379 1.64 -4.27 -13.99
CA SER A 379 2.46 -3.85 -15.11
C SER A 379 3.75 -3.18 -14.65
N ILE A 380 3.68 -2.37 -13.59
CA ILE A 380 4.88 -1.72 -13.06
C ILE A 380 5.90 -2.77 -12.63
N VAL A 381 5.43 -3.81 -11.94
CA VAL A 381 6.34 -4.85 -11.47
C VAL A 381 6.99 -5.59 -12.64
N ILE A 382 6.17 -6.09 -13.57
CA ILE A 382 6.69 -6.95 -14.62
C ILE A 382 7.47 -6.17 -15.67
N TRP A 383 6.98 -5.01 -16.11
CA TRP A 383 7.58 -4.31 -17.23
C TRP A 383 8.09 -2.93 -16.85
N GLY A 384 7.82 -2.44 -15.64
CA GLY A 384 8.30 -1.12 -15.26
C GLY A 384 7.54 0.03 -15.87
N LYS A 385 6.33 -0.22 -16.37
CA LYS A 385 5.64 0.76 -17.17
C LYS A 385 4.15 0.41 -17.14
N THR A 386 3.30 1.43 -17.10
CA THR A 386 1.86 1.22 -17.17
C THR A 386 1.42 1.03 -18.62
N PRO A 387 0.37 0.24 -18.85
CA PRO A 387 -0.17 0.09 -20.19
C PRO A 387 -1.29 1.08 -20.51
N LYS A 388 -1.67 1.08 -21.78
CA LYS A 388 -2.83 1.81 -22.27
C LYS A 388 -4.02 0.89 -22.14
N PHE A 389 -5.12 1.40 -21.59
CA PHE A 389 -6.26 0.54 -21.31
C PHE A 389 -7.32 0.67 -22.39
N LYS A 390 -7.95 -0.46 -22.71
CA LYS A 390 -9.14 -0.50 -23.52
C LYS A 390 -10.21 -1.09 -22.62
N LEU A 391 -11.27 -0.33 -22.41
CA LEU A 391 -12.20 -0.67 -21.35
C LEU A 391 -13.63 -0.67 -21.88
N PRO A 392 -14.47 -1.59 -21.41
CA PRO A 392 -15.88 -1.67 -21.82
C PRO A 392 -16.79 -0.69 -21.09
N ILE A 393 -16.44 0.59 -21.14
CA ILE A 393 -17.25 1.62 -20.49
C ILE A 393 -17.13 2.90 -21.29
N GLN A 394 -18.23 3.61 -21.44
CA GLN A 394 -18.19 4.84 -22.21
C GLN A 394 -17.46 5.93 -21.42
N LYS A 395 -16.77 6.80 -22.14
CA LYS A 395 -16.13 7.93 -21.49
C LYS A 395 -17.14 8.77 -20.69
N GLU A 396 -18.37 8.93 -21.20
CA GLU A 396 -19.37 9.73 -20.50
C GLU A 396 -19.78 9.07 -19.19
N THR A 397 -20.06 7.76 -19.22
CA THR A 397 -20.36 7.03 -17.99
C THR A 397 -19.28 7.27 -16.95
N TRP A 398 -18.02 7.19 -17.36
CA TRP A 398 -16.96 7.16 -16.38
C TRP A 398 -16.79 8.52 -15.71
N GLU A 399 -16.86 9.61 -16.46
CA GLU A 399 -16.73 10.91 -15.83
C GLU A 399 -18.02 11.41 -15.20
N THR A 400 -19.18 10.89 -15.60
CA THR A 400 -20.36 11.12 -14.79
C THR A 400 -20.16 10.53 -13.40
N TRP A 401 -19.57 9.35 -13.32
CA TRP A 401 -19.50 8.69 -12.03
C TRP A 401 -18.42 9.31 -11.14
N TRP A 402 -17.21 9.50 -11.66
CA TRP A 402 -16.14 9.87 -10.74
C TRP A 402 -16.17 11.34 -10.35
N THR A 403 -16.76 12.21 -11.16
CA THR A 403 -16.87 13.60 -10.73
C THR A 403 -17.90 13.75 -9.61
N GLU A 404 -19.05 13.08 -9.72
CA GLU A 404 -20.09 13.18 -8.70
C GLU A 404 -19.73 12.39 -7.44
N TYR A 405 -18.88 11.37 -7.55
CA TYR A 405 -18.51 10.50 -6.43
C TYR A 405 -17.49 11.21 -5.52
N TRP A 406 -17.47 10.80 -4.25
CA TRP A 406 -16.70 11.55 -3.26
C TRP A 406 -15.25 11.05 -3.09
N GLN A 407 -14.94 9.81 -3.45
CA GLN A 407 -13.54 9.42 -3.49
C GLN A 407 -12.86 10.01 -4.70
N ALA A 408 -11.55 10.21 -4.56
CA ALA A 408 -10.72 10.57 -5.69
C ALA A 408 -10.37 9.32 -6.50
N THR A 409 -10.18 9.51 -7.80
CA THR A 409 -9.54 8.45 -8.56
C THR A 409 -8.77 9.01 -9.73
N TRP A 410 -7.98 8.13 -10.34
CA TRP A 410 -7.30 8.46 -11.58
C TRP A 410 -6.80 7.20 -12.24
N ILE A 411 -7.39 6.82 -13.36
CA ILE A 411 -6.79 5.73 -14.13
C ILE A 411 -6.03 6.31 -15.32
N PRO A 412 -4.89 5.72 -15.68
CA PRO A 412 -4.14 6.19 -16.85
C PRO A 412 -4.90 6.12 -18.17
N GLU A 413 -4.21 6.50 -19.24
CA GLU A 413 -4.71 6.52 -20.60
C GLU A 413 -5.56 5.31 -20.94
N TRP A 414 -6.80 5.56 -21.38
CA TRP A 414 -7.69 4.49 -21.80
C TRP A 414 -8.60 4.97 -22.93
N GLU A 415 -9.34 4.01 -23.46
CA GLU A 415 -10.17 4.21 -24.64
C GLU A 415 -11.32 3.24 -24.51
N PHE A 416 -12.51 3.69 -24.93
CA PHE A 416 -13.67 2.82 -24.90
C PHE A 416 -13.51 1.72 -25.94
N VAL A 417 -14.01 0.53 -25.62
CA VAL A 417 -14.03 -0.57 -26.57
C VAL A 417 -15.37 -1.28 -26.45
N ASN A 418 -16.04 -1.46 -27.57
CA ASN A 418 -17.40 -1.99 -27.58
C ASN A 418 -17.34 -3.51 -27.48
N THR A 419 -17.10 -3.99 -26.27
CA THR A 419 -17.13 -5.42 -25.99
C THR A 419 -18.13 -5.67 -24.88
N PRO A 420 -19.35 -6.09 -25.22
CA PRO A 420 -20.39 -6.21 -24.20
C PRO A 420 -20.14 -7.46 -23.33
N PRO A 421 -20.61 -7.45 -22.08
CA PRO A 421 -21.43 -6.42 -21.42
C PRO A 421 -20.69 -5.13 -21.17
N LEU A 422 -21.35 -4.00 -21.40
CA LEU A 422 -20.76 -2.71 -21.10
C LEU A 422 -21.02 -2.38 -19.64
N VAL A 423 -20.12 -1.59 -19.06
CA VAL A 423 -20.31 -1.10 -17.70
C VAL A 423 -21.16 0.15 -17.75
N LYS A 424 -22.19 0.19 -16.93
CA LYS A 424 -23.04 1.37 -16.86
C LYS A 424 -23.64 1.46 -15.48
N LEU A 425 -24.00 2.69 -15.09
CA LEU A 425 -24.80 2.88 -13.87
C LEU A 425 -26.25 2.52 -14.17
N TRP A 426 -26.84 1.70 -13.32
CA TRP A 426 -28.17 1.14 -13.57
C TRP A 426 -29.31 2.01 -13.05
N TYR A 427 -29.03 3.07 -12.28
CA TYR A 427 -30.03 4.04 -11.86
C TYR A 427 -29.29 5.28 -11.40
N GLN A 428 -30.03 6.38 -11.25
CA GLN A 428 -29.51 7.66 -10.81
C GLN A 428 -30.47 8.25 -9.79
N LEU A 429 -29.96 8.58 -8.61
CA LEU A 429 -30.76 9.31 -7.63
C LEU A 429 -31.01 10.73 -8.11
N GLU A 430 -32.23 11.23 -7.90
CA GLU A 430 -32.56 12.58 -8.31
C GLU A 430 -31.77 13.61 -7.52
N LYS A 431 -31.46 14.73 -8.17
CA LYS A 431 -30.69 15.80 -7.53
C LYS A 431 -31.52 16.67 -6.61
N GLU A 432 -32.84 16.75 -6.82
CA GLU A 432 -33.71 17.60 -6.01
C GLU A 432 -35.10 16.97 -5.96
N PRO A 433 -35.92 17.34 -4.96
CA PRO A 433 -37.18 16.60 -4.74
C PRO A 433 -38.15 16.71 -5.91
N ILE A 434 -38.98 15.69 -6.04
CA ILE A 434 -39.82 15.50 -7.22
C ILE A 434 -41.21 16.10 -6.96
N VAL A 435 -41.50 17.21 -7.63
CA VAL A 435 -42.83 17.81 -7.55
C VAL A 435 -43.87 16.81 -8.07
N GLY A 436 -45.02 16.74 -7.37
CA GLY A 436 -46.10 15.90 -7.81
C GLY A 436 -45.94 14.44 -7.46
N ALA A 437 -44.87 14.07 -6.78
CA ALA A 437 -44.67 12.70 -6.31
C ALA A 437 -44.89 12.65 -4.81
N GLU A 438 -45.37 11.51 -4.33
CA GLU A 438 -45.60 11.30 -2.90
C GLU A 438 -44.29 11.37 -2.12
N THR A 439 -44.38 11.81 -0.87
CA THR A 439 -43.22 11.84 0.03
C THR A 439 -43.44 10.81 1.12
N PHE A 440 -42.56 9.80 1.18
CA PHE A 440 -42.56 8.85 2.29
C PHE A 440 -41.56 9.29 3.35
N TYR A 441 -41.99 9.30 4.59
CA TYR A 441 -41.12 9.43 5.75
C TYR A 441 -41.01 8.03 6.30
N VAL A 442 -39.83 7.44 6.23
CA VAL A 442 -39.66 6.05 6.62
C VAL A 442 -38.87 6.01 7.91
N ASP A 443 -38.91 4.85 8.57
CA ASP A 443 -38.15 4.68 9.80
C ASP A 443 -38.11 3.21 10.18
N GLY A 444 -36.96 2.79 10.72
CA GLY A 444 -36.82 1.47 11.29
C GLY A 444 -36.29 1.58 12.71
N ALA A 445 -36.37 0.46 13.42
CA ALA A 445 -36.01 0.41 14.84
C ALA A 445 -35.97 -1.05 15.26
N ALA A 446 -34.93 -1.41 16.00
CA ALA A 446 -34.86 -2.72 16.62
C ALA A 446 -34.58 -2.55 18.11
N ASN A 447 -35.15 -3.45 18.90
CA ASN A 447 -34.85 -3.55 20.32
C ASN A 447 -33.63 -4.45 20.48
N ARG A 448 -32.58 -3.94 21.16
CA ARG A 448 -31.29 -4.62 21.16
C ARG A 448 -31.38 -5.94 21.93
N GLU A 449 -32.19 -5.96 22.98
CA GLU A 449 -32.42 -7.18 23.75
C GLU A 449 -33.03 -8.27 22.87
N THR A 450 -34.24 -8.02 22.38
CA THR A 450 -35.09 -9.07 21.85
C THR A 450 -34.82 -9.40 20.39
N LYS A 451 -34.00 -8.60 19.71
CA LYS A 451 -33.73 -8.72 18.26
C LYS A 451 -35.00 -8.49 17.44
N LEU A 452 -35.98 -7.81 18.02
CA LEU A 452 -37.26 -7.57 17.38
C LEU A 452 -37.32 -6.12 16.92
N GLY A 453 -37.86 -5.91 15.72
CA GLY A 453 -37.91 -4.56 15.17
C GLY A 453 -39.15 -4.32 14.34
N LYS A 454 -39.36 -3.04 14.06
CA LYS A 454 -40.47 -2.56 13.25
C LYS A 454 -39.93 -1.63 12.16
N ALA A 455 -40.55 -1.69 10.99
CA ALA A 455 -40.25 -0.79 9.90
C ALA A 455 -41.54 -0.19 9.36
N GLY A 456 -41.48 1.04 8.86
CA GLY A 456 -42.69 1.60 8.30
C GLY A 456 -42.51 3.01 7.81
N TYR A 457 -43.61 3.56 7.30
CA TYR A 457 -43.61 4.89 6.70
C TYR A 457 -44.90 5.61 7.06
N VAL A 458 -44.88 6.93 6.89
CA VAL A 458 -46.07 7.76 6.80
C VAL A 458 -45.83 8.70 5.62
N THR A 459 -46.83 8.85 4.76
CA THR A 459 -46.68 9.70 3.59
C THR A 459 -47.47 10.99 3.72
N ASN A 460 -47.09 11.98 2.92
CA ASN A 460 -47.76 13.27 2.95
C ASN A 460 -49.19 13.16 2.43
N ARG A 461 -49.50 12.10 1.69
CA ARG A 461 -50.83 11.81 1.19
C ARG A 461 -51.70 11.05 2.18
N GLY A 462 -51.19 10.80 3.39
CA GLY A 462 -51.96 10.19 4.44
C GLY A 462 -51.84 8.69 4.62
N ARG A 463 -51.07 7.99 3.79
CA ARG A 463 -50.93 6.57 4.02
C ARG A 463 -49.91 6.27 5.11
N GLN A 464 -49.85 5.00 5.51
CA GLN A 464 -49.03 4.59 6.64
C GLN A 464 -49.01 3.09 6.66
N LYS A 465 -47.87 2.51 7.03
CA LYS A 465 -47.75 1.07 7.16
C LYS A 465 -46.66 0.79 8.16
N VAL A 466 -46.80 -0.30 8.91
CA VAL A 466 -45.80 -0.78 9.85
C VAL A 466 -45.79 -2.29 9.74
N VAL A 467 -44.65 -2.86 9.35
CA VAL A 467 -44.45 -4.30 9.44
C VAL A 467 -43.54 -4.56 10.64
N THR A 468 -43.59 -5.79 11.15
CA THR A 468 -42.78 -6.21 12.28
C THR A 468 -41.75 -7.21 11.83
N LEU A 469 -40.62 -7.25 12.55
CA LEU A 469 -39.45 -7.98 12.09
C LEU A 469 -38.78 -8.69 13.26
N THR A 470 -38.37 -9.94 13.05
CA THR A 470 -37.70 -10.72 14.06
C THR A 470 -36.26 -10.99 13.64
N ASP A 471 -35.41 -11.27 14.63
CA ASP A 471 -34.00 -11.61 14.39
C ASP A 471 -33.35 -10.53 13.52
N THR A 472 -33.41 -9.29 13.99
CA THR A 472 -33.09 -8.16 13.13
C THR A 472 -32.27 -7.14 13.91
N THR A 473 -31.74 -6.17 13.17
CA THR A 473 -30.91 -5.11 13.72
C THR A 473 -31.46 -3.76 13.28
N ASN A 474 -31.04 -2.71 13.99
CA ASN A 474 -31.36 -1.36 13.54
C ASN A 474 -30.97 -1.16 12.09
N GLN A 475 -29.82 -1.69 11.69
CA GLN A 475 -29.37 -1.45 10.32
C GLN A 475 -30.33 -2.05 9.31
N LYS A 476 -30.82 -3.26 9.59
CA LYS A 476 -31.72 -3.92 8.63
C LYS A 476 -33.14 -3.36 8.69
N THR A 477 -33.62 -2.92 9.86
CA THR A 477 -34.93 -2.27 9.88
C THR A 477 -34.90 -0.94 9.13
N GLU A 478 -33.78 -0.22 9.18
CA GLU A 478 -33.69 1.05 8.47
C GLU A 478 -33.70 0.84 6.96
N LEU A 479 -33.16 -0.28 6.49
CA LEU A 479 -33.24 -0.63 5.07
C LEU A 479 -34.57 -1.26 4.70
N GLN A 480 -35.17 -1.99 5.65
CA GLN A 480 -36.50 -2.53 5.45
C GLN A 480 -37.51 -1.41 5.21
N ALA A 481 -37.40 -0.34 6.00
CA ALA A 481 -38.29 0.81 5.82
C ALA A 481 -38.20 1.36 4.40
N ILE A 482 -36.99 1.46 3.86
CA ILE A 482 -36.80 2.06 2.55
C ILE A 482 -37.36 1.15 1.46
N TYR A 483 -37.17 -0.16 1.63
CA TYR A 483 -37.75 -1.13 0.72
C TYR A 483 -39.27 -1.05 0.73
N LEU A 484 -39.89 -0.95 1.93
CA LEU A 484 -41.33 -0.75 2.04
C LEU A 484 -41.79 0.41 1.18
N ALA A 485 -41.20 1.58 1.40
CA ALA A 485 -41.52 2.78 0.63
C ALA A 485 -41.45 2.55 -0.88
N LEU A 486 -40.44 1.80 -1.35
CA LEU A 486 -40.30 1.62 -2.78
C LEU A 486 -41.33 0.67 -3.36
N GLN A 487 -41.77 -0.34 -2.61
CA GLN A 487 -42.83 -1.22 -3.09
C GLN A 487 -44.14 -0.46 -3.27
N ASP A 488 -44.55 0.29 -2.26
CA ASP A 488 -45.86 0.89 -2.21
C ASP A 488 -45.98 2.16 -3.03
N SER A 489 -44.88 2.70 -3.55
CA SER A 489 -44.94 3.98 -4.24
C SER A 489 -45.07 3.74 -5.75
N GLY A 490 -45.26 4.84 -6.47
CA GLY A 490 -45.32 4.78 -7.92
C GLY A 490 -43.96 5.03 -8.54
N LEU A 491 -43.98 5.29 -9.85
CA LEU A 491 -42.75 5.43 -10.62
C LEU A 491 -41.86 6.55 -10.12
N GLU A 492 -42.42 7.48 -9.37
CA GLU A 492 -41.67 8.59 -8.79
C GLU A 492 -41.96 8.61 -7.30
N VAL A 493 -40.95 8.98 -6.51
CA VAL A 493 -41.11 8.96 -5.07
C VAL A 493 -40.01 9.76 -4.39
N ASN A 494 -40.38 10.48 -3.34
CA ASN A 494 -39.47 11.12 -2.42
C ASN A 494 -39.48 10.33 -1.12
N ILE A 495 -38.29 10.12 -0.55
CA ILE A 495 -38.07 9.24 0.59
C ILE A 495 -37.19 9.98 1.57
N VAL A 496 -37.70 10.21 2.77
CA VAL A 496 -36.95 10.84 3.85
C VAL A 496 -36.63 9.73 4.84
N THR A 497 -35.33 9.54 5.12
CA THR A 497 -34.88 8.57 6.10
C THR A 497 -34.05 9.28 7.17
N ASP A 498 -33.96 8.65 8.34
CA ASP A 498 -33.09 9.08 9.42
C ASP A 498 -31.75 8.34 9.43
N SER A 499 -31.55 7.36 8.55
CA SER A 499 -30.39 6.49 8.58
C SER A 499 -29.32 6.98 7.61
N GLN A 500 -28.24 7.55 8.15
CA GLN A 500 -27.04 7.78 7.35
C GLN A 500 -26.49 6.48 6.80
N TYR A 501 -26.69 5.39 7.53
CA TYR A 501 -26.22 4.09 7.05
C TYR A 501 -26.83 3.76 5.71
N ALA A 502 -28.16 3.82 5.61
CA ALA A 502 -28.83 3.43 4.37
C ALA A 502 -28.65 4.45 3.27
N LEU A 503 -28.58 5.73 3.61
CA LEU A 503 -28.30 6.74 2.59
C LEU A 503 -26.90 6.55 2.01
N GLY A 504 -25.90 6.34 2.87
CA GLY A 504 -24.54 6.07 2.42
C GLY A 504 -24.49 4.98 1.38
N ILE A 505 -25.00 3.80 1.74
CA ILE A 505 -25.11 2.70 0.78
C ILE A 505 -25.78 3.16 -0.51
N ILE A 506 -26.97 3.74 -0.41
CA ILE A 506 -27.76 3.95 -1.62
C ILE A 506 -27.19 5.07 -2.49
N GLN A 507 -26.56 6.09 -1.90
CA GLN A 507 -25.95 7.13 -2.72
C GLN A 507 -24.74 6.64 -3.51
N ALA A 508 -24.12 5.52 -3.09
CA ALA A 508 -22.99 4.98 -3.84
C ALA A 508 -23.43 4.22 -5.09
N GLN A 509 -24.73 4.20 -5.37
CA GLN A 509 -25.29 3.50 -6.51
C GLN A 509 -24.83 2.04 -6.65
N PRO A 510 -24.94 1.25 -5.58
CA PRO A 510 -24.55 -0.15 -5.71
C PRO A 510 -25.44 -0.84 -6.75
N ASP A 511 -24.83 -1.75 -7.52
CA ASP A 511 -25.64 -2.64 -8.33
C ASP A 511 -25.50 -4.09 -7.90
N GLN A 512 -24.81 -4.35 -6.78
CA GLN A 512 -24.65 -5.70 -6.27
C GLN A 512 -24.27 -5.61 -4.80
N SER A 513 -24.56 -6.67 -4.05
CA SER A 513 -24.45 -6.64 -2.59
C SER A 513 -24.47 -8.05 -2.02
N GLU A 514 -23.82 -8.24 -0.87
CA GLU A 514 -23.96 -9.49 -0.13
C GLU A 514 -25.32 -9.61 0.56
N SER A 515 -26.01 -8.49 0.80
CA SER A 515 -27.29 -8.46 1.48
C SER A 515 -28.43 -8.59 0.47
N GLU A 516 -29.28 -9.61 0.62
CA GLU A 516 -30.42 -9.75 -0.28
C GLU A 516 -31.40 -8.60 -0.12
N LEU A 517 -31.45 -8.01 1.07
CA LEU A 517 -32.23 -6.80 1.28
C LEU A 517 -31.76 -5.70 0.31
N VAL A 518 -30.46 -5.37 0.39
CA VAL A 518 -29.89 -4.34 -0.48
C VAL A 518 -30.11 -4.69 -1.94
N ASN A 519 -30.05 -5.98 -2.28
CA ASN A 519 -30.32 -6.35 -3.68
C ASN A 519 -31.78 -6.11 -4.05
N GLN A 520 -32.71 -6.34 -3.12
CA GLN A 520 -34.13 -6.10 -3.41
C GLN A 520 -34.40 -4.61 -3.62
N ILE A 521 -33.75 -3.77 -2.82
CA ILE A 521 -33.86 -2.33 -3.01
C ILE A 521 -33.29 -1.91 -4.36
N ILE A 522 -32.20 -2.54 -4.79
CA ILE A 522 -31.59 -2.22 -6.08
C ILE A 522 -32.53 -2.62 -7.21
N GLU A 523 -33.18 -3.78 -7.09
CA GLU A 523 -34.26 -4.18 -7.98
C GLU A 523 -35.30 -3.07 -8.13
N GLN A 524 -35.74 -2.52 -6.99
CA GLN A 524 -36.76 -1.49 -7.02
C GLN A 524 -36.24 -0.19 -7.63
N LEU A 525 -35.03 0.22 -7.25
CA LEU A 525 -34.54 1.51 -7.74
C LEU A 525 -34.42 1.52 -9.25
N ILE A 526 -34.20 0.35 -9.86
CA ILE A 526 -34.05 0.28 -11.31
C ILE A 526 -35.40 0.44 -12.02
N LYS A 527 -36.47 -0.19 -11.49
CA LYS A 527 -37.80 -0.02 -12.09
C LYS A 527 -38.32 1.42 -12.02
N LYS A 528 -37.95 2.16 -10.97
CA LYS A 528 -38.47 3.51 -10.80
C LYS A 528 -37.97 4.45 -11.89
N GLU A 529 -38.77 5.47 -12.17
CA GLU A 529 -38.37 6.53 -13.09
C GLU A 529 -37.71 7.68 -12.39
N LYS A 530 -38.09 7.98 -11.15
CA LYS A 530 -37.44 9.03 -10.37
C LYS A 530 -37.49 8.65 -8.92
N VAL A 531 -36.39 8.89 -8.19
CA VAL A 531 -36.31 8.66 -6.76
C VAL A 531 -35.45 9.76 -6.15
N TYR A 532 -36.03 10.53 -5.24
CA TYR A 532 -35.25 11.46 -4.44
C TYR A 532 -35.17 10.90 -3.04
N LEU A 533 -33.98 10.97 -2.47
CA LEU A 533 -33.71 10.37 -1.16
C LEU A 533 -33.05 11.46 -0.34
N ALA A 534 -33.52 11.65 0.88
CA ALA A 534 -33.01 12.72 1.72
C ALA A 534 -32.91 12.22 3.14
N TRP A 535 -32.08 12.90 3.92
CA TRP A 535 -31.78 12.45 5.27
C TRP A 535 -32.13 13.59 6.22
N VAL A 536 -32.65 13.21 7.39
CA VAL A 536 -32.91 14.17 8.46
C VAL A 536 -32.38 13.53 9.73
N PRO A 537 -31.84 14.31 10.68
CA PRO A 537 -31.45 13.73 11.97
C PRO A 537 -32.67 13.22 12.72
N ALA A 538 -32.54 12.07 13.37
CA ALA A 538 -33.66 11.56 14.14
C ALA A 538 -33.71 12.23 15.51
N HIS A 539 -34.88 12.11 16.15
CA HIS A 539 -35.12 12.62 17.51
C HIS A 539 -35.02 14.13 17.58
N LYS A 540 -35.39 14.83 16.52
CA LYS A 540 -35.50 16.28 16.57
C LYS A 540 -36.92 16.76 16.32
N GLY A 541 -37.90 15.86 16.40
CA GLY A 541 -39.29 16.27 16.19
C GLY A 541 -39.49 16.86 14.81
N ILE A 542 -38.88 16.24 13.80
CA ILE A 542 -38.91 16.82 12.43
C ILE A 542 -40.11 16.27 11.68
N GLY A 543 -41.24 16.99 11.73
CA GLY A 543 -42.43 16.60 10.97
C GLY A 543 -42.62 15.11 10.85
N GLY A 544 -42.84 14.62 9.63
CA GLY A 544 -43.15 13.20 9.43
C GLY A 544 -42.20 12.27 10.15
N ASN A 545 -40.97 12.72 10.41
CA ASN A 545 -40.02 11.76 10.97
C ASN A 545 -40.39 11.39 12.40
N GLU A 546 -40.77 12.37 13.22
CA GLU A 546 -41.24 12.04 14.57
C GLU A 546 -42.53 11.23 14.53
N GLN A 547 -43.35 11.43 13.51
CA GLN A 547 -44.63 10.72 13.41
C GLN A 547 -44.45 9.28 12.96
N VAL A 548 -43.53 9.01 12.02
CA VAL A 548 -43.23 7.62 11.72
C VAL A 548 -42.37 7.00 12.82
N ASP A 549 -41.58 7.82 13.52
CA ASP A 549 -40.82 7.33 14.68
C ASP A 549 -41.76 6.78 15.76
N LYS A 550 -42.92 7.42 15.94
CA LYS A 550 -43.90 6.93 16.92
C LYS A 550 -44.31 5.49 16.61
N LEU A 551 -44.68 5.22 15.36
CA LEU A 551 -45.19 3.90 14.99
C LEU A 551 -44.17 2.79 15.26
N VAL A 552 -42.90 3.01 14.90
CA VAL A 552 -41.86 1.98 15.06
C VAL A 552 -41.24 1.96 16.47
N GLU B 6 33.83 13.84 14.28
CA GLU B 6 33.27 13.04 15.35
C GLU B 6 31.75 12.90 15.17
N THR B 7 31.18 11.76 15.61
CA THR B 7 29.77 11.46 15.42
C THR B 7 29.02 11.42 16.75
N VAL B 8 27.79 11.90 16.72
CA VAL B 8 26.86 11.88 17.84
C VAL B 8 26.23 10.49 17.94
N PRO B 9 26.42 9.76 19.05
CA PRO B 9 25.79 8.44 19.16
C PRO B 9 24.28 8.54 19.14
N VAL B 10 23.64 7.65 18.37
CA VAL B 10 22.19 7.63 18.21
C VAL B 10 21.66 6.28 18.66
N LYS B 11 20.55 6.30 19.38
CA LYS B 11 19.94 5.08 19.91
C LYS B 11 18.46 5.00 19.51
N LEU B 12 18.01 3.80 19.22
CA LEU B 12 16.60 3.55 18.99
C LEU B 12 15.84 3.62 20.32
N LYS B 13 14.51 3.59 20.22
CA LYS B 13 13.69 3.47 21.40
C LYS B 13 13.97 2.13 22.09
N PRO B 14 13.81 2.05 23.40
CA PRO B 14 14.16 0.82 24.13
C PRO B 14 13.37 -0.37 23.60
N GLY B 15 14.08 -1.47 23.35
CA GLY B 15 13.45 -2.66 22.80
C GLY B 15 12.76 -2.46 21.46
N MET B 16 13.22 -1.50 20.67
CA MET B 16 12.69 -1.27 19.34
C MET B 16 13.74 -1.70 18.32
N ASP B 17 13.30 -2.36 17.25
CA ASP B 17 14.19 -2.76 16.17
C ASP B 17 14.06 -1.79 14.99
N GLY B 18 15.11 -1.75 14.18
CA GLY B 18 15.10 -0.99 12.94
C GLY B 18 13.93 -1.29 12.02
N PRO B 19 13.70 -0.38 11.08
CA PRO B 19 12.57 -0.53 10.16
C PRO B 19 12.80 -1.64 9.15
N LYS B 20 11.72 -2.34 8.78
CA LYS B 20 11.74 -3.36 7.72
C LYS B 20 10.56 -3.13 6.80
N VAL B 21 10.61 -2.05 6.04
CA VAL B 21 9.48 -1.59 5.27
C VAL B 21 9.64 -2.04 3.82
N LYS B 22 8.56 -2.57 3.25
CA LYS B 22 8.54 -3.00 1.85
C LYS B 22 8.76 -1.82 0.90
N GLN B 23 9.64 -2.02 -0.09
CA GLN B 23 9.77 -1.14 -1.23
C GLN B 23 8.58 -1.30 -2.20
N TRP B 24 7.94 -0.22 -2.51
CA TRP B 24 6.85 -0.19 -3.48
CA TRP B 24 6.87 -0.32 -3.47
C TRP B 24 7.46 -0.27 -4.89
N PRO B 25 6.75 -0.87 -5.86
CA PRO B 25 7.35 -1.01 -7.19
C PRO B 25 7.58 0.35 -7.84
N LEU B 26 8.69 0.44 -8.58
CA LEU B 26 9.10 1.65 -9.27
C LEU B 26 9.07 1.39 -10.77
N THR B 27 8.75 2.44 -11.52
CA THR B 27 8.86 2.40 -12.97
C THR B 27 10.31 2.42 -13.42
N GLU B 28 10.55 1.92 -14.63
CA GLU B 28 11.89 1.91 -15.19
C GLU B 28 12.55 3.28 -15.13
N GLU B 29 11.79 4.34 -15.42
CA GLU B 29 12.40 5.65 -15.50
C GLU B 29 12.88 6.10 -14.12
N LYS B 30 12.14 5.78 -13.08
CA LYS B 30 12.53 6.20 -11.73
C LYS B 30 13.64 5.32 -11.19
N ILE B 31 13.60 4.03 -11.50
CA ILE B 31 14.72 3.15 -11.15
C ILE B 31 16.01 3.68 -11.75
N LYS B 32 15.99 3.99 -13.05
CA LYS B 32 17.21 4.45 -13.71
C LYS B 32 17.71 5.75 -13.10
N ALA B 33 16.80 6.67 -12.75
CA ALA B 33 17.21 7.90 -12.08
C ALA B 33 17.84 7.62 -10.72
N LEU B 34 17.23 6.74 -9.92
CA LEU B 34 17.81 6.44 -8.62
C LEU B 34 19.20 5.84 -8.77
N VAL B 35 19.38 4.99 -9.79
CA VAL B 35 20.63 4.29 -9.97
C VAL B 35 21.77 5.27 -10.22
N GLU B 36 21.53 6.25 -11.11
CA GLU B 36 22.57 7.24 -11.36
C GLU B 36 22.80 8.13 -10.14
N ILE B 37 21.73 8.59 -9.50
CA ILE B 37 21.91 9.39 -8.28
C ILE B 37 22.73 8.62 -7.26
N CYS B 38 22.42 7.35 -7.07
CA CYS B 38 23.04 6.59 -6.01
C CYS B 38 24.47 6.18 -6.33
N THR B 39 24.81 5.95 -7.62
CA THR B 39 26.22 5.70 -7.92
C THR B 39 27.05 6.94 -7.64
N GLU B 40 26.53 8.13 -7.97
CA GLU B 40 27.28 9.36 -7.68
C GLU B 40 27.43 9.57 -6.18
N MET B 41 26.39 9.30 -5.40
CA MET B 41 26.54 9.45 -3.95
C MET B 41 27.53 8.44 -3.40
N GLU B 42 27.58 7.25 -3.97
CA GLU B 42 28.50 6.24 -3.45
C GLU B 42 29.94 6.65 -3.74
N LYS B 43 30.23 7.13 -4.96
CA LYS B 43 31.60 7.54 -5.26
C LYS B 43 32.01 8.74 -4.42
N GLU B 44 31.05 9.58 -4.02
CA GLU B 44 31.37 10.62 -3.04
C GLU B 44 31.35 10.12 -1.60
N GLY B 45 31.10 8.83 -1.37
CA GLY B 45 31.18 8.31 -0.02
C GLY B 45 29.99 8.60 0.88
N LYS B 46 28.88 9.12 0.34
CA LYS B 46 27.75 9.43 1.22
C LYS B 46 26.97 8.18 1.61
N ILE B 47 27.02 7.13 0.76
CA ILE B 47 26.37 5.85 1.00
C ILE B 47 27.32 4.74 0.61
N SER B 48 27.02 3.52 1.06
CA SER B 48 27.84 2.38 0.73
C SER B 48 26.99 1.14 0.51
N LYS B 49 27.41 0.31 -0.44
CA LYS B 49 26.76 -0.98 -0.65
C LYS B 49 26.84 -1.82 0.62
N ILE B 50 25.80 -2.61 0.87
CA ILE B 50 25.74 -3.43 2.05
C ILE B 50 25.46 -4.87 1.63
N GLY B 51 25.76 -5.79 2.53
CA GLY B 51 25.56 -7.19 2.27
C GLY B 51 24.35 -7.73 3.00
N PRO B 52 24.08 -9.04 2.85
CA PRO B 52 22.80 -9.58 3.31
C PRO B 52 22.67 -9.60 4.82
N GLU B 53 23.76 -9.35 5.55
CA GLU B 53 23.68 -9.34 7.00
C GLU B 53 22.91 -8.15 7.55
N ASN B 54 22.51 -7.21 6.68
CA ASN B 54 21.65 -6.09 7.05
C ASN B 54 20.22 -6.43 6.67
N PRO B 55 19.33 -6.68 7.63
CA PRO B 55 17.94 -7.01 7.31
C PRO B 55 16.99 -5.82 7.31
N TYR B 56 17.49 -4.59 7.38
CA TYR B 56 16.63 -3.43 7.49
C TYR B 56 16.30 -2.88 6.09
N ASN B 57 15.22 -2.10 6.04
CA ASN B 57 14.85 -1.44 4.80
C ASN B 57 13.91 -0.28 5.09
N THR B 58 14.14 0.82 4.40
CA THR B 58 13.15 1.87 4.28
C THR B 58 12.99 2.15 2.80
N PRO B 59 11.81 2.60 2.37
CA PRO B 59 11.55 2.75 0.94
C PRO B 59 12.14 4.02 0.38
N VAL B 60 12.36 3.98 -0.92
CA VAL B 60 12.96 5.09 -1.62
C VAL B 60 12.15 5.39 -2.88
N PHE B 61 12.15 6.65 -3.29
CA PHE B 61 11.47 7.08 -4.53
C PHE B 61 12.28 8.15 -5.21
N ALA B 62 11.92 8.40 -6.46
CA ALA B 62 12.37 9.57 -7.20
C ALA B 62 11.21 10.53 -7.39
N ILE B 63 11.47 11.81 -7.15
CA ILE B 63 10.51 12.86 -7.42
C ILE B 63 11.23 13.95 -8.21
N LYS B 64 10.52 15.02 -8.54
CA LYS B 64 11.09 16.16 -9.24
C LYS B 64 11.00 17.39 -8.36
N LYS B 65 11.85 18.39 -8.67
CA LYS B 65 11.78 19.70 -8.03
C LYS B 65 10.31 20.14 -8.06
N THR B 69 13.21 20.04 -13.05
CA THR B 69 13.44 19.33 -14.31
C THR B 69 14.49 18.19 -14.23
N LYS B 70 15.06 17.97 -13.05
CA LYS B 70 16.04 16.89 -12.85
C LYS B 70 15.71 16.09 -11.58
N TRP B 71 15.79 14.77 -11.69
CA TRP B 71 15.33 13.83 -10.67
C TRP B 71 16.02 14.04 -9.33
N ARG B 72 15.26 13.77 -8.28
CA ARG B 72 15.75 13.90 -6.93
C ARG B 72 15.31 12.66 -6.16
N LYS B 73 16.12 12.27 -5.18
CA LYS B 73 15.87 11.05 -4.40
C LYS B 73 15.13 11.41 -3.12
N LEU B 74 14.10 10.64 -2.81
CA LEU B 74 13.32 10.87 -1.61
C LEU B 74 13.25 9.56 -0.85
N VAL B 75 13.76 9.55 0.37
CA VAL B 75 13.72 8.37 1.21
C VAL B 75 12.61 8.54 2.25
N ASP B 76 11.74 7.55 2.34
CA ASP B 76 10.62 7.57 3.28
C ASP B 76 11.10 7.10 4.66
N PHE B 77 11.66 8.02 5.44
CA PHE B 77 12.09 7.62 6.78
C PHE B 77 10.95 7.64 7.81
N ARG B 78 9.69 7.64 7.40
CA ARG B 78 8.60 7.73 8.37
C ARG B 78 8.73 6.70 9.49
N GLU B 79 9.02 5.45 9.12
CA GLU B 79 9.10 4.38 10.11
C GLU B 79 10.30 4.56 11.04
N LEU B 80 11.49 4.80 10.47
CA LEU B 80 12.65 5.12 11.29
C LEU B 80 12.38 6.30 12.22
N ASN B 81 11.75 7.36 11.70
CA ASN B 81 11.50 8.52 12.54
C ASN B 81 10.73 8.13 13.80
N LYS B 82 9.76 7.22 13.65
CA LYS B 82 8.96 6.77 14.79
C LYS B 82 9.80 6.02 15.79
N ARG B 83 10.75 5.25 15.30
CA ARG B 83 11.59 4.36 16.11
C ARG B 83 12.82 5.06 16.66
N THR B 84 13.01 6.34 16.33
CA THR B 84 14.07 7.17 16.90
C THR B 84 13.51 8.43 17.55
N GLN B 85 12.19 8.46 17.82
CA GLN B 85 11.49 9.67 18.29
C GLN B 85 11.92 10.14 19.67
N ASP B 86 12.62 9.30 20.44
CA ASP B 86 13.25 9.81 21.65
C ASP B 86 14.48 10.66 21.31
N PHE B 87 15.18 10.31 20.23
CA PHE B 87 16.40 11.03 19.92
C PHE B 87 16.11 12.46 19.45
N TRP B 88 15.22 12.62 18.45
CA TRP B 88 15.02 13.92 17.80
C TRP B 88 13.98 14.80 18.49
N GLU B 89 13.14 14.27 19.38
CA GLU B 89 12.11 15.06 20.02
C GLU B 89 12.40 15.39 21.49
N VAL B 90 12.69 14.39 22.33
CA VAL B 90 12.86 14.64 23.76
C VAL B 90 14.31 14.88 24.16
N GLN B 91 15.28 14.56 23.30
CA GLN B 91 16.68 14.76 23.64
C GLN B 91 17.30 15.96 22.95
N LEU B 92 17.00 16.17 21.67
CA LEU B 92 17.62 17.20 20.86
C LEU B 92 16.57 18.06 20.15
N GLY B 93 15.37 18.14 20.72
CA GLY B 93 14.26 18.85 20.10
C GLY B 93 14.58 20.24 19.61
N ILE B 94 13.95 20.64 18.51
CA ILE B 94 14.08 21.98 17.94
C ILE B 94 12.82 22.75 18.29
N PRO B 95 12.89 23.83 19.08
CA PRO B 95 11.67 24.49 19.55
C PRO B 95 10.97 25.26 18.44
N HIS B 96 9.64 25.29 18.52
CA HIS B 96 8.88 25.90 17.45
C HIS B 96 8.40 27.29 17.86
N PRO B 97 8.71 28.32 17.08
CA PRO B 97 8.39 29.69 17.49
C PRO B 97 6.95 30.06 17.15
N ALA B 98 6.22 30.51 18.15
CA ALA B 98 4.86 30.97 17.93
C ALA B 98 4.80 32.20 17.03
N GLY B 99 5.94 32.87 16.85
CA GLY B 99 5.96 34.08 16.05
C GLY B 99 5.77 33.82 14.57
N LEU B 100 6.16 32.63 14.11
CA LEU B 100 6.25 32.37 12.67
C LEU B 100 4.92 32.57 11.97
N LYS B 101 3.83 32.05 12.56
CA LYS B 101 2.52 32.13 11.90
C LYS B 101 2.01 33.57 11.81
N LYS B 102 2.54 34.48 12.63
CA LYS B 102 2.10 35.88 12.61
C LYS B 102 2.80 36.73 11.56
N LYS B 103 3.84 36.23 10.89
CA LYS B 103 4.60 37.04 9.96
C LYS B 103 3.86 37.24 8.65
N LYS B 104 4.18 38.34 7.95
CA LYS B 104 3.51 38.65 6.70
C LYS B 104 4.00 37.76 5.56
N SER B 105 5.30 37.47 5.52
CA SER B 105 5.85 36.61 4.49
C SER B 105 6.73 35.55 5.12
N VAL B 106 6.58 34.31 4.63
CA VAL B 106 7.42 33.20 5.03
C VAL B 106 7.99 32.54 3.78
N THR B 107 9.30 32.49 3.69
CA THR B 107 9.98 31.80 2.59
C THR B 107 10.56 30.48 3.07
N VAL B 108 10.42 29.43 2.27
CA VAL B 108 10.93 28.09 2.58
C VAL B 108 12.17 27.85 1.73
N LEU B 109 13.28 27.49 2.38
CA LEU B 109 14.54 27.18 1.72
C LEU B 109 14.95 25.76 2.05
N ASP B 110 15.35 25.00 1.02
CA ASP B 110 15.90 23.66 1.25
C ASP B 110 17.34 23.79 1.73
N VAL B 111 17.65 23.21 2.89
CA VAL B 111 19.01 23.20 3.41
C VAL B 111 19.53 21.79 3.62
N GLY B 112 18.94 20.80 2.94
CA GLY B 112 19.27 19.41 3.20
C GLY B 112 20.68 19.02 2.81
N ASP B 113 21.25 19.67 1.80
CA ASP B 113 22.65 19.43 1.45
C ASP B 113 23.61 19.66 2.60
N ALA B 114 23.21 20.43 3.62
CA ALA B 114 24.04 20.59 4.81
C ALA B 114 24.43 19.25 5.42
N TYR B 115 23.51 18.29 5.43
CA TYR B 115 23.72 17.05 6.17
C TYR B 115 24.76 16.13 5.56
N PHE B 116 25.15 16.36 4.31
CA PHE B 116 26.05 15.44 3.63
C PHE B 116 27.50 15.63 4.07
N SER B 117 27.76 16.62 4.90
CA SER B 117 29.08 16.89 5.42
C SER B 117 29.31 16.24 6.77
N VAL B 118 28.25 15.91 7.49
CA VAL B 118 28.35 15.35 8.84
C VAL B 118 28.33 13.83 8.79
N PRO B 119 29.31 13.15 9.38
CA PRO B 119 29.25 11.69 9.43
C PRO B 119 28.16 11.21 10.38
N LEU B 120 27.68 10.01 10.09
CA LEU B 120 26.64 9.37 10.90
C LEU B 120 27.28 8.30 11.78
N ASP B 121 26.84 8.25 13.03
CA ASP B 121 27.33 7.26 13.99
C ASP B 121 27.29 5.86 13.39
N GLU B 122 28.47 5.22 13.34
CA GLU B 122 28.59 3.99 12.58
C GLU B 122 27.69 2.88 13.11
N ASP B 123 27.36 2.91 14.40
CA ASP B 123 26.45 1.89 14.93
C ASP B 123 25.01 2.13 14.54
N PHE B 124 24.70 3.26 13.91
CA PHE B 124 23.35 3.54 13.48
C PHE B 124 23.15 3.32 11.98
N ARG B 125 24.24 3.23 11.21
CA ARG B 125 24.16 3.29 9.77
C ARG B 125 23.31 2.17 9.18
N LYS B 126 23.37 0.98 9.77
CA LYS B 126 22.62 -0.13 9.22
C LYS B 126 21.10 0.15 9.22
N TYR B 127 20.61 0.97 10.14
CA TYR B 127 19.18 1.26 10.19
C TYR B 127 18.70 2.10 9.03
N THR B 128 19.61 2.71 8.26
CA THR B 128 19.30 3.53 7.11
C THR B 128 19.33 2.76 5.80
N ALA B 129 19.39 1.43 5.84
CA ALA B 129 19.40 0.61 4.63
C ALA B 129 18.19 0.92 3.74
N PHE B 130 18.41 0.80 2.42
CA PHE B 130 17.36 0.95 1.43
C PHE B 130 17.74 0.20 0.15
N THR B 131 16.73 -0.08 -0.66
CA THR B 131 16.85 -0.94 -1.84
C THR B 131 16.41 -0.19 -3.09
N ILE B 132 17.16 -0.35 -4.16
CA ILE B 132 16.70 0.01 -5.50
C ILE B 132 16.19 -1.26 -6.17
N PRO B 133 14.89 -1.43 -6.33
CA PRO B 133 14.38 -2.67 -6.93
C PRO B 133 14.79 -2.76 -8.39
N SER B 134 14.59 -3.94 -8.96
CA SER B 134 14.79 -4.11 -10.39
C SER B 134 13.48 -4.49 -11.05
N ILE B 135 13.34 -4.10 -12.31
CA ILE B 135 12.16 -4.48 -13.06
C ILE B 135 12.04 -5.99 -13.12
N ASN B 136 10.83 -6.50 -12.86
CA ASN B 136 10.47 -7.90 -12.98
C ASN B 136 11.28 -8.78 -12.02
N ASN B 137 11.92 -8.17 -11.02
CA ASN B 137 12.73 -8.89 -10.06
C ASN B 137 13.78 -9.78 -10.73
N GLU B 138 14.30 -9.35 -11.88
CA GLU B 138 15.26 -10.19 -12.59
C GLU B 138 16.62 -10.20 -11.90
N THR B 139 16.86 -9.11 -11.18
CA THR B 139 18.16 -8.96 -10.49
C THR B 139 17.90 -8.52 -9.05
N PRO B 140 18.70 -8.99 -8.09
CA PRO B 140 18.60 -8.59 -6.68
C PRO B 140 18.67 -7.07 -6.60
N GLY B 141 17.80 -6.49 -5.79
CA GLY B 141 17.87 -5.05 -5.65
C GLY B 141 19.26 -4.59 -5.23
N ILE B 142 19.68 -3.43 -5.74
CA ILE B 142 20.88 -2.76 -5.24
C ILE B 142 20.62 -2.24 -3.83
N ARG B 143 21.55 -2.53 -2.92
CA ARG B 143 21.33 -2.24 -1.50
C ARG B 143 22.40 -1.29 -0.95
N TYR B 144 21.96 -0.36 -0.09
CA TYR B 144 22.80 0.74 0.35
C TYR B 144 22.44 1.12 1.78
N GLN B 145 23.40 1.70 2.49
CA GLN B 145 23.12 2.39 3.74
C GLN B 145 23.84 3.73 3.73
N TYR B 146 23.37 4.62 4.59
CA TYR B 146 23.94 5.96 4.67
C TYR B 146 25.20 5.97 5.53
N ASN B 147 26.19 6.75 5.07
CA ASN B 147 27.34 7.10 5.91
C ASN B 147 27.24 8.50 6.50
N VAL B 148 26.39 9.38 5.95
CA VAL B 148 26.29 10.73 6.50
C VAL B 148 24.89 10.90 7.06
N LEU B 149 24.61 12.05 7.66
CA LEU B 149 23.25 12.38 8.06
C LEU B 149 22.36 12.36 6.82
N PRO B 150 21.34 11.53 6.76
CA PRO B 150 20.49 11.48 5.57
C PRO B 150 19.38 12.52 5.60
N GLN B 151 19.05 13.03 4.42
CA GLN B 151 17.86 13.85 4.29
C GLN B 151 16.62 13.02 4.61
N GLY B 152 15.64 13.64 5.29
CA GLY B 152 14.39 12.98 5.59
C GLY B 152 14.34 12.34 6.96
N TRP B 153 15.48 12.09 7.59
CA TRP B 153 15.54 11.55 8.93
C TRP B 153 15.48 12.72 9.93
N LYS B 154 14.56 12.63 10.90
CA LYS B 154 14.44 13.71 11.86
C LYS B 154 15.62 13.77 12.82
N GLY B 155 16.48 12.77 12.80
CA GLY B 155 17.74 12.87 13.54
C GLY B 155 18.70 13.86 12.93
N SER B 156 18.61 14.10 11.61
CA SER B 156 19.60 14.96 10.97
C SER B 156 19.53 16.39 11.47
N PRO B 157 18.40 17.11 11.41
CA PRO B 157 18.40 18.48 11.91
C PRO B 157 18.70 18.57 13.40
N ALA B 158 18.34 17.55 14.18
CA ALA B 158 18.62 17.58 15.61
C ALA B 158 20.12 17.57 15.88
N ILE B 159 20.86 16.73 15.16
CA ILE B 159 22.30 16.69 15.33
C ILE B 159 22.94 17.93 14.74
N PHE B 160 22.43 18.43 13.62
CA PHE B 160 23.00 19.59 12.99
C PHE B 160 22.62 20.90 13.67
N GLN B 161 21.76 20.86 14.69
CA GLN B 161 21.28 22.06 15.37
C GLN B 161 22.41 22.97 15.82
N SER B 162 23.38 22.39 16.55
CA SER B 162 24.62 23.06 16.92
C SER B 162 25.20 23.91 15.80
N SER B 163 25.36 23.31 14.61
CA SER B 163 26.01 24.02 13.51
C SER B 163 25.10 25.04 12.87
N MET B 164 23.79 24.74 12.80
CA MET B 164 22.86 25.68 12.19
C MET B 164 22.82 26.97 12.98
N THR B 165 22.86 26.87 14.31
CA THR B 165 22.93 28.05 15.17
C THR B 165 24.19 28.87 14.91
N LYS B 166 25.32 28.22 14.64
CA LYS B 166 26.55 28.97 14.36
C LYS B 166 26.49 29.65 13.00
N ILE B 167 25.85 29.03 12.00
CA ILE B 167 25.71 29.64 10.69
C ILE B 167 24.77 30.84 10.75
N LEU B 168 23.67 30.71 11.48
CA LEU B 168 22.65 31.75 11.46
C LEU B 168 22.94 32.88 12.46
N GLU B 169 23.93 32.70 13.32
CA GLU B 169 24.15 33.65 14.41
C GLU B 169 24.38 35.08 13.91
N PRO B 170 25.22 35.34 12.89
CA PRO B 170 25.36 36.73 12.43
C PRO B 170 24.09 37.29 11.82
N PHE B 171 23.42 36.53 10.96
CA PHE B 171 22.20 37.02 10.30
C PHE B 171 21.08 37.28 11.31
N ARG B 172 20.94 36.43 12.32
CA ARG B 172 19.93 36.67 13.35
C ARG B 172 20.25 37.91 14.16
N LYS B 173 21.52 38.08 14.54
CA LYS B 173 21.90 39.27 15.31
C LYS B 173 21.67 40.55 14.54
N GLN B 174 21.81 40.53 13.22
CA GLN B 174 21.64 41.73 12.41
C GLN B 174 20.20 41.98 12.02
N ASN B 175 19.33 40.99 12.21
CA ASN B 175 17.93 41.07 11.80
C ASN B 175 17.08 40.44 12.90
N PRO B 176 16.94 41.17 14.02
CA PRO B 176 16.29 40.58 15.21
C PRO B 176 14.80 40.33 15.02
N ASP B 177 14.18 40.91 13.99
CA ASP B 177 12.76 40.78 13.74
C ASP B 177 12.44 39.72 12.68
N ILE B 178 13.42 38.91 12.30
CA ILE B 178 13.19 37.84 11.35
C ILE B 178 13.24 36.54 12.11
N VAL B 179 12.28 35.66 11.84
CA VAL B 179 12.17 34.38 12.52
C VAL B 179 12.65 33.30 11.55
N ILE B 180 13.58 32.48 12.01
CA ILE B 180 14.14 31.40 11.22
C ILE B 180 13.87 30.12 11.98
N TYR B 181 13.23 29.17 11.32
CA TYR B 181 12.80 27.94 11.98
C TYR B 181 13.17 26.79 11.07
N GLN B 182 13.81 25.80 11.64
CA GLN B 182 14.19 24.61 10.91
C GLN B 182 13.18 23.50 11.15
N TYR B 183 12.75 22.86 10.06
CA TYR B 183 11.93 21.66 10.13
C TYR B 183 12.45 20.70 9.09
N MET B 184 12.95 19.55 9.54
CA MET B 184 13.59 18.56 8.65
C MET B 184 14.57 19.23 7.71
N ASP B 185 14.34 19.13 6.41
CA ASP B 185 15.33 19.65 5.44
C ASP B 185 15.03 21.10 5.05
N ASP B 186 14.16 21.81 5.77
CA ASP B 186 13.83 23.18 5.35
C ASP B 186 14.08 24.23 6.43
N LEU B 187 14.41 25.44 5.96
CA LEU B 187 14.40 26.64 6.77
C LEU B 187 13.14 27.45 6.47
N TYR B 188 12.44 27.87 7.52
CA TYR B 188 11.32 28.77 7.36
C TYR B 188 11.75 30.14 7.87
N VAL B 189 11.69 31.13 6.99
CA VAL B 189 12.18 32.46 7.27
C VAL B 189 11.01 33.43 7.14
N GLY B 190 10.62 34.05 8.26
CA GLY B 190 9.48 34.94 8.29
C GLY B 190 9.78 36.37 8.67
N SER B 191 9.24 37.33 7.93
CA SER B 191 9.46 38.73 8.24
C SER B 191 8.14 39.47 8.06
N ASP B 192 8.09 40.67 8.62
CA ASP B 192 7.02 41.60 8.32
C ASP B 192 7.44 42.66 7.30
N LEU B 193 8.57 42.44 6.63
CA LEU B 193 9.04 43.38 5.64
C LEU B 193 8.09 43.43 4.45
N GLU B 194 8.16 44.54 3.72
CA GLU B 194 7.58 44.59 2.39
C GLU B 194 8.27 43.55 1.50
N ILE B 195 7.53 43.06 0.50
CA ILE B 195 7.94 41.83 -0.18
C ILE B 195 9.31 41.98 -0.84
N GLY B 196 9.65 43.19 -1.30
CA GLY B 196 10.95 43.40 -1.91
C GLY B 196 12.10 43.34 -0.91
N GLN B 197 11.92 43.96 0.26
CA GLN B 197 12.95 43.90 1.29
C GLN B 197 13.05 42.50 1.87
N HIS B 198 11.92 41.81 1.95
CA HIS B 198 11.93 40.43 2.39
C HIS B 198 12.74 39.57 1.43
N ARG B 199 12.43 39.65 0.13
CA ARG B 199 13.22 38.91 -0.86
C ARG B 199 14.69 39.29 -0.79
N THR B 200 15.00 40.57 -0.60
CA THR B 200 16.40 40.98 -0.46
C THR B 200 17.04 40.29 0.74
N LYS B 201 16.31 40.20 1.87
CA LYS B 201 16.88 39.58 3.06
C LYS B 201 17.07 38.07 2.90
N ILE B 202 16.17 37.41 2.17
CA ILE B 202 16.39 36.02 1.79
C ILE B 202 17.68 35.88 0.99
N GLU B 203 17.91 36.81 0.07
CA GLU B 203 19.12 36.77 -0.73
C GLU B 203 20.37 36.83 0.16
N GLU B 204 20.39 37.76 1.13
CA GLU B 204 21.56 37.83 2.02
C GLU B 204 21.71 36.55 2.82
N LEU B 205 20.61 35.98 3.29
CA LEU B 205 20.67 34.73 4.02
C LEU B 205 21.26 33.60 3.15
N ARG B 206 20.79 33.49 1.92
CA ARG B 206 21.38 32.55 0.96
C ARG B 206 22.91 32.71 0.90
N GLN B 207 23.40 33.95 0.98
CA GLN B 207 24.84 34.19 0.97
C GLN B 207 25.52 33.66 2.23
N HIS B 208 24.89 33.83 3.40
CA HIS B 208 25.45 33.23 4.60
C HIS B 208 25.55 31.72 4.47
N LEU B 209 24.48 31.09 3.97
CA LEU B 209 24.47 29.63 3.83
C LEU B 209 25.48 29.18 2.78
N LEU B 210 25.66 29.99 1.74
CA LEU B 210 26.59 29.64 0.67
C LEU B 210 28.03 29.55 1.17
N ARG B 211 28.40 30.33 2.20
CA ARG B 211 29.74 30.21 2.80
C ARG B 211 29.86 29.04 3.64
N TRP B 212 28.94 28.09 3.64
CA TRP B 212 29.13 26.84 4.37
C TRP B 212 28.72 25.61 3.55
N GLY B 213 28.40 25.80 2.27
CA GLY B 213 27.99 24.71 1.40
C GLY B 213 26.50 24.43 1.43
N LEU B 214 25.67 25.47 1.43
CA LEU B 214 24.22 25.33 1.48
C LEU B 214 23.60 26.18 0.39
N THR B 215 22.98 25.54 -0.59
CA THR B 215 22.31 26.26 -1.68
C THR B 215 20.83 25.85 -1.76
N TYR B 232 9.94 29.97 -2.80
CA TYR B 232 8.55 29.63 -2.48
C TYR B 232 8.04 30.41 -1.26
N GLU B 233 7.00 31.24 -1.48
CA GLU B 233 6.60 32.37 -0.62
C GLU B 233 5.19 32.20 -0.05
N LEU B 234 5.09 31.96 1.25
CA LEU B 234 3.83 31.86 1.99
C LEU B 234 3.45 33.18 2.65
N HIS B 235 2.16 33.35 2.91
CA HIS B 235 1.64 34.52 3.60
C HIS B 235 0.71 34.05 4.69
N PRO B 236 1.26 33.51 5.78
CA PRO B 236 0.40 32.94 6.83
C PRO B 236 -0.61 33.93 7.36
N ASP B 237 -0.25 35.21 7.38
CA ASP B 237 -1.12 36.31 7.79
C ASP B 237 -2.49 36.31 7.09
N LYS B 238 -2.65 35.59 5.98
CA LYS B 238 -3.85 35.58 5.16
C LYS B 238 -4.44 34.20 4.99
N TRP B 239 -4.30 33.34 6.01
CA TRP B 239 -4.88 32.00 5.98
C TRP B 239 -6.21 32.06 6.74
N THR B 240 -7.24 32.56 6.06
CA THR B 240 -8.51 32.79 6.74
C THR B 240 -9.29 31.48 6.89
N VAL B 241 -10.00 31.38 8.02
CA VAL B 241 -10.93 30.30 8.33
C VAL B 241 -11.93 30.09 7.20
N GLN B 242 -12.35 28.84 6.99
CA GLN B 242 -13.49 28.55 6.13
C GLN B 242 -14.73 28.31 6.99
N PRO B 243 -15.51 29.34 7.29
CA PRO B 243 -16.68 29.14 8.15
C PRO B 243 -17.74 28.30 7.46
N ILE B 244 -18.48 27.55 8.30
CA ILE B 244 -19.69 26.88 7.83
C ILE B 244 -20.68 27.94 7.39
N VAL B 245 -21.12 27.86 6.14
CA VAL B 245 -21.97 28.87 5.53
C VAL B 245 -23.38 28.31 5.41
N LEU B 246 -24.37 29.18 5.65
CA LEU B 246 -25.75 28.76 5.52
C LEU B 246 -26.44 29.54 4.42
N PRO B 247 -27.28 28.90 3.61
CA PRO B 247 -27.87 29.60 2.46
C PRO B 247 -28.74 30.76 2.91
N GLU B 248 -28.88 31.74 2.03
CA GLU B 248 -29.83 32.85 2.17
C GLU B 248 -30.82 32.70 1.03
N LYS B 249 -32.10 32.50 1.37
CA LYS B 249 -33.05 32.16 0.28
C LYS B 249 -34.28 33.05 0.23
N ASP B 250 -34.93 33.07 -0.93
CA ASP B 250 -36.18 33.85 -1.10
C ASP B 250 -37.32 33.03 -0.48
N SER B 251 -37.45 31.77 -0.87
CA SER B 251 -38.50 30.89 -0.33
C SER B 251 -37.87 29.63 0.27
N TRP B 252 -38.57 28.94 1.16
CA TRP B 252 -37.98 27.77 1.81
C TRP B 252 -38.92 26.62 1.63
N THR B 253 -38.49 25.59 0.90
CA THR B 253 -39.30 24.40 0.92
C THR B 253 -39.00 23.58 2.18
N VAL B 254 -39.86 22.60 2.39
CA VAL B 254 -39.68 21.54 3.38
C VAL B 254 -38.27 20.98 3.24
N ASN B 255 -37.95 20.54 2.02
CA ASN B 255 -36.62 20.02 1.73
C ASN B 255 -35.53 21.00 2.15
N ASP B 256 -35.67 22.29 1.78
CA ASP B 256 -34.66 23.28 2.15
C ASP B 256 -34.45 23.37 3.64
N ILE B 257 -35.53 23.33 4.41
CA ILE B 257 -35.42 23.51 5.86
C ILE B 257 -34.86 22.26 6.50
N GLN B 258 -35.23 21.09 5.98
CA GLN B 258 -34.68 19.84 6.49
C GLN B 258 -33.17 19.80 6.33
N LYS B 259 -32.69 20.15 5.13
CA LYS B 259 -31.24 20.24 4.92
C LYS B 259 -30.62 21.27 5.85
N LEU B 260 -31.34 22.37 6.10
CA LEU B 260 -30.82 23.40 7.01
C LEU B 260 -30.75 22.91 8.45
N VAL B 261 -31.77 22.19 8.90
CA VAL B 261 -31.78 21.64 10.26
C VAL B 261 -30.66 20.61 10.43
N GLY B 262 -30.53 19.69 9.46
CA GLY B 262 -29.46 18.73 9.51
C GLY B 262 -28.08 19.39 9.56
N LYS B 263 -27.90 20.47 8.79
CA LYS B 263 -26.61 21.13 8.76
C LYS B 263 -26.33 21.88 10.06
N LEU B 264 -27.35 22.56 10.61
CA LEU B 264 -27.20 23.21 11.91
C LEU B 264 -26.92 22.19 13.01
N ASN B 265 -27.69 21.11 13.03
CA ASN B 265 -27.58 20.11 14.09
C ASN B 265 -26.19 19.47 14.11
N TRP B 266 -25.62 19.17 12.94
CA TRP B 266 -24.24 18.69 12.95
C TRP B 266 -23.28 19.79 13.43
N ALA B 267 -23.54 21.05 13.04
CA ALA B 267 -22.69 22.15 13.46
C ALA B 267 -22.74 22.35 14.96
N SER B 268 -23.91 22.09 15.56
CA SER B 268 -24.07 22.23 17.01
C SER B 268 -23.07 21.38 17.79
N GLN B 269 -22.51 20.35 17.16
CA GLN B 269 -21.55 19.48 17.84
C GLN B 269 -20.17 20.10 17.96
N ILE B 270 -19.89 21.14 17.18
CA ILE B 270 -18.64 21.90 17.28
C ILE B 270 -18.87 23.25 17.94
N TYR B 271 -19.91 23.96 17.53
CA TYR B 271 -20.19 25.31 18.00
C TYR B 271 -21.31 25.31 19.03
N PRO B 272 -21.02 25.37 20.32
CA PRO B 272 -22.08 25.52 21.33
C PRO B 272 -22.80 26.85 21.14
N GLY B 273 -24.13 26.79 21.16
CA GLY B 273 -24.96 27.95 20.91
C GLY B 273 -25.94 27.70 19.80
N ILE B 274 -25.54 26.88 18.82
CA ILE B 274 -26.39 26.52 17.68
C ILE B 274 -27.70 25.89 18.18
N LYS B 275 -28.83 26.44 17.71
CA LYS B 275 -30.18 26.05 18.13
C LYS B 275 -31.06 25.81 16.91
N VAL B 276 -32.08 24.95 17.03
CA VAL B 276 -32.73 24.57 15.76
C VAL B 276 -34.26 24.53 15.93
N ARG B 277 -34.78 24.46 17.17
CA ARG B 277 -36.20 24.23 17.33
C ARG B 277 -37.19 25.14 16.61
N GLN B 278 -36.97 26.45 16.68
CA GLN B 278 -37.90 27.35 15.97
C GLN B 278 -38.00 27.00 14.49
N LEU B 279 -36.86 26.69 13.89
CA LEU B 279 -36.82 26.13 12.55
C LEU B 279 -37.48 24.77 12.51
N CYS B 280 -37.32 23.99 13.57
CA CYS B 280 -37.84 22.63 13.55
C CYS B 280 -39.36 22.61 13.46
N LYS B 281 -40.03 23.48 14.21
CA LYS B 281 -41.46 23.27 14.37
C LYS B 281 -42.31 23.92 13.29
N LEU B 282 -41.72 24.62 12.31
CA LEU B 282 -42.49 24.87 11.10
C LEU B 282 -42.53 23.64 10.21
N LEU B 283 -41.65 22.67 10.50
CA LEU B 283 -41.73 21.31 9.95
C LEU B 283 -42.38 20.42 11.01
N ARG B 284 -43.70 20.43 11.05
CA ARG B 284 -44.44 19.49 11.88
C ARG B 284 -45.72 19.11 11.14
N GLY B 285 -46.09 17.84 11.25
CA GLY B 285 -46.91 17.18 10.26
C GLY B 285 -46.03 16.54 9.20
N THR B 286 -46.63 15.77 8.30
CA THR B 286 -45.84 15.10 7.26
C THR B 286 -46.21 15.74 5.92
N LYS B 287 -45.50 16.81 5.56
CA LYS B 287 -45.79 17.51 4.32
C LYS B 287 -44.81 17.14 3.21
N ALA B 288 -45.26 17.36 1.98
CA ALA B 288 -44.43 17.14 0.80
C ALA B 288 -43.17 18.00 0.85
N LEU B 289 -42.10 17.49 0.27
CA LEU B 289 -40.82 18.20 0.31
C LEU B 289 -40.87 19.48 -0.51
N THR B 290 -41.72 19.52 -1.52
CA THR B 290 -41.80 20.61 -2.46
C THR B 290 -42.64 21.76 -1.95
N GLU B 291 -43.34 21.57 -0.83
CA GLU B 291 -44.21 22.59 -0.26
C GLU B 291 -43.40 23.78 0.26
N VAL B 292 -43.76 24.98 -0.22
CA VAL B 292 -43.10 26.22 0.20
C VAL B 292 -43.58 26.60 1.60
N ILE B 293 -42.66 27.06 2.45
CA ILE B 293 -42.98 27.32 3.85
C ILE B 293 -42.50 28.71 4.20
N PRO B 294 -43.40 29.67 4.55
CA PRO B 294 -42.97 30.99 4.99
C PRO B 294 -42.37 30.87 6.40
N LEU B 295 -41.27 31.58 6.66
CA LEU B 295 -40.57 31.45 7.98
C LEU B 295 -41.44 32.02 9.09
N THR B 296 -41.24 31.55 10.33
CA THR B 296 -42.01 32.07 11.49
C THR B 296 -41.24 33.22 12.15
N GLU B 297 -41.54 33.52 13.41
CA GLU B 297 -40.89 34.66 14.11
C GLU B 297 -39.43 34.64 14.59
N GLU B 298 -39.13 33.82 15.59
CA GLU B 298 -37.72 33.56 15.99
C GLU B 298 -37.11 32.60 14.97
N ALA B 299 -37.92 31.93 14.16
CA ALA B 299 -37.36 31.10 13.08
C ALA B 299 -36.45 31.99 12.25
N GLU B 300 -37.03 32.97 11.56
CA GLU B 300 -36.18 33.81 10.73
C GLU B 300 -35.08 34.47 11.52
N LEU B 301 -35.34 34.78 12.79
CA LEU B 301 -34.30 35.39 13.60
C LEU B 301 -33.23 34.38 13.97
N GLU B 302 -33.60 33.12 14.24
CA GLU B 302 -32.55 32.17 14.62
C GLU B 302 -31.59 31.86 13.48
N LEU B 303 -32.05 31.94 12.24
CA LEU B 303 -31.10 32.00 11.15
C LEU B 303 -30.13 33.17 11.31
N ALA B 304 -30.52 34.24 12.03
CA ALA B 304 -29.58 35.32 12.27
C ALA B 304 -28.59 34.95 13.38
N GLU B 305 -29.07 34.46 14.53
CA GLU B 305 -28.12 34.03 15.56
C GLU B 305 -27.18 32.98 14.99
N ASN B 306 -27.74 31.90 14.44
CA ASN B 306 -26.96 30.78 13.95
C ASN B 306 -25.88 31.25 12.96
N ARG B 307 -26.28 32.08 11.98
CA ARG B 307 -25.28 32.73 11.12
C ARG B 307 -24.24 33.46 11.95
N GLU B 308 -24.68 34.29 12.90
CA GLU B 308 -23.75 35.04 13.73
C GLU B 308 -22.87 34.13 14.57
N ILE B 309 -23.39 32.98 15.00
CA ILE B 309 -22.58 32.03 15.75
C ILE B 309 -21.45 31.47 14.88
N LEU B 310 -21.75 31.11 13.63
CA LEU B 310 -20.86 30.23 12.89
C LEU B 310 -19.70 30.93 12.22
N LYS B 311 -19.72 32.26 12.13
CA LYS B 311 -18.63 32.96 11.45
C LYS B 311 -17.51 33.42 12.39
N GLU B 312 -17.22 32.68 13.46
CA GLU B 312 -16.11 33.03 14.34
C GLU B 312 -15.58 31.79 15.05
N PRO B 313 -14.28 31.75 15.43
CA PRO B 313 -13.65 30.47 15.82
C PRO B 313 -14.29 29.79 17.01
N VAL B 314 -13.86 28.54 17.21
CA VAL B 314 -14.38 27.69 18.27
C VAL B 314 -13.80 28.15 19.60
N HIS B 315 -14.69 28.50 20.53
CA HIS B 315 -14.29 28.84 21.88
C HIS B 315 -13.73 27.61 22.58
N GLY B 316 -12.56 27.76 23.20
CA GLY B 316 -12.03 26.74 24.06
C GLY B 316 -11.35 25.55 23.40
N VAL B 317 -11.11 25.57 22.09
CA VAL B 317 -10.31 24.53 21.46
C VAL B 317 -8.86 25.00 21.43
N TYR B 318 -7.96 24.22 22.01
CA TYR B 318 -6.56 24.59 22.10
C TYR B 318 -5.68 23.42 21.66
N TYR B 319 -4.54 23.76 21.08
CA TYR B 319 -3.57 22.78 20.65
C TYR B 319 -2.87 22.14 21.85
N ASP B 320 -2.90 20.81 21.90
CA ASP B 320 -2.15 20.06 22.89
C ASP B 320 -0.87 19.55 22.25
N PRO B 321 0.30 20.04 22.67
CA PRO B 321 1.55 19.65 22.00
C PRO B 321 1.88 18.17 22.14
N SER B 322 1.27 17.47 23.09
CA SER B 322 1.58 16.07 23.30
C SER B 322 0.69 15.12 22.49
N LYS B 323 -0.19 15.65 21.64
CA LYS B 323 -1.10 14.84 20.87
C LYS B 323 -0.87 15.02 19.38
N ASP B 324 -1.28 14.02 18.62
CA ASP B 324 -1.12 14.05 17.19
C ASP B 324 -2.14 14.99 16.54
N LEU B 325 -1.72 15.61 15.44
CA LEU B 325 -2.62 16.36 14.61
C LEU B 325 -3.23 15.43 13.58
N ILE B 326 -4.50 15.66 13.26
CA ILE B 326 -5.21 14.88 12.26
C ILE B 326 -5.75 15.84 11.22
N ALA B 327 -5.70 15.43 9.96
CA ALA B 327 -6.27 16.22 8.87
C ALA B 327 -7.25 15.33 8.12
N GLU B 328 -8.50 15.77 8.02
CA GLU B 328 -9.50 15.13 7.18
C GLU B 328 -9.71 15.97 5.93
N ILE B 329 -9.94 15.30 4.79
CA ILE B 329 -10.10 15.98 3.51
C ILE B 329 -11.32 15.43 2.80
N GLN B 330 -12.19 16.31 2.34
CA GLN B 330 -13.36 15.91 1.57
C GLN B 330 -13.22 16.43 0.15
N LYS B 331 -13.60 15.60 -0.82
CA LYS B 331 -13.70 16.05 -2.20
C LYS B 331 -15.05 16.73 -2.41
N GLN B 332 -15.04 18.00 -2.79
CA GLN B 332 -16.25 18.75 -3.07
C GLN B 332 -16.61 18.79 -4.56
N GLY B 333 -15.77 18.25 -5.44
CA GLY B 333 -16.01 18.27 -6.86
C GLY B 333 -15.64 19.62 -7.47
N GLN B 334 -15.47 19.62 -8.79
CA GLN B 334 -15.15 20.86 -9.52
C GLN B 334 -13.84 21.46 -9.03
N GLY B 335 -12.87 20.59 -8.74
CA GLY B 335 -11.54 21.03 -8.37
C GLY B 335 -11.39 21.64 -6.99
N GLN B 336 -12.34 21.43 -6.09
CA GLN B 336 -12.31 22.04 -4.78
C GLN B 336 -12.45 20.98 -3.70
N TRP B 337 -11.77 21.19 -2.58
CA TRP B 337 -11.56 20.21 -1.53
C TRP B 337 -11.59 20.95 -0.21
N THR B 338 -12.28 20.40 0.78
CA THR B 338 -12.28 21.02 2.09
C THR B 338 -11.46 20.20 3.06
N TYR B 339 -10.97 20.83 4.12
CA TYR B 339 -10.20 20.09 5.10
C TYR B 339 -10.38 20.70 6.49
N GLN B 340 -10.18 19.85 7.49
CA GLN B 340 -10.16 20.28 8.88
C GLN B 340 -8.99 19.61 9.58
N ILE B 341 -8.31 20.34 10.45
CA ILE B 341 -7.25 19.81 11.30
C ILE B 341 -7.75 19.80 12.73
N TYR B 342 -7.55 18.68 13.41
CA TYR B 342 -8.01 18.56 14.80
C TYR B 342 -7.17 17.51 15.50
N GLN B 343 -7.25 17.53 16.82
CA GLN B 343 -6.66 16.48 17.65
C GLN B 343 -7.71 15.61 18.31
N GLU B 344 -8.79 16.21 18.78
CA GLU B 344 -9.92 15.38 19.17
C GLU B 344 -11.13 15.78 18.32
N PRO B 345 -11.87 14.79 17.82
CA PRO B 345 -12.81 15.07 16.72
C PRO B 345 -13.89 16.06 17.11
N PHE B 346 -14.20 16.95 16.16
CA PHE B 346 -15.15 18.06 16.18
C PHE B 346 -14.58 19.32 16.81
N LYS B 347 -13.40 19.25 17.44
CA LYS B 347 -12.76 20.45 17.94
C LYS B 347 -11.65 20.85 16.98
N ASN B 348 -12.07 21.48 15.89
CA ASN B 348 -11.18 21.85 14.81
C ASN B 348 -10.19 22.91 15.26
N LEU B 349 -8.91 22.70 14.98
CA LEU B 349 -7.94 23.77 15.19
C LEU B 349 -7.91 24.71 13.99
N LYS B 350 -8.25 24.19 12.81
CA LYS B 350 -8.22 24.92 11.56
C LYS B 350 -9.14 24.21 10.57
N THR B 351 -9.72 24.99 9.66
CA THR B 351 -10.58 24.51 8.59
C THR B 351 -10.20 25.30 7.34
N GLY B 352 -10.30 24.67 6.19
CA GLY B 352 -10.00 25.44 4.99
C GLY B 352 -10.56 24.79 3.77
N LYS B 353 -10.20 25.37 2.63
CA LYS B 353 -10.47 24.79 1.34
C LYS B 353 -9.19 24.86 0.53
N TYR B 354 -9.13 24.05 -0.51
CA TYR B 354 -8.04 24.10 -1.47
C TYR B 354 -8.69 24.18 -2.85
N ALA B 355 -8.15 25.04 -3.70
CA ALA B 355 -8.80 25.43 -4.95
C ALA B 355 -7.99 24.96 -6.16
N ARG B 356 -8.64 24.19 -7.02
CA ARG B 356 -8.23 24.06 -8.42
C ARG B 356 -6.92 23.29 -8.57
N THR B 362 -5.96 18.89 -12.82
CA THR B 362 -6.05 18.13 -14.09
C THR B 362 -6.10 16.64 -13.76
N ASN B 363 -6.34 16.29 -12.50
CA ASN B 363 -6.41 14.87 -12.04
C ASN B 363 -6.85 14.92 -10.59
N ASP B 364 -7.74 14.03 -10.18
CA ASP B 364 -8.14 13.99 -8.77
C ASP B 364 -6.95 13.73 -7.85
N VAL B 365 -6.02 12.86 -8.27
CA VAL B 365 -4.92 12.45 -7.40
C VAL B 365 -3.89 13.56 -7.31
N LYS B 366 -3.65 14.24 -8.44
CA LYS B 366 -2.74 15.38 -8.44
C LYS B 366 -3.25 16.49 -7.52
N GLN B 367 -4.54 16.77 -7.60
CA GLN B 367 -5.14 17.81 -6.78
C GLN B 367 -5.04 17.46 -5.30
N LEU B 368 -5.36 16.21 -4.97
CA LEU B 368 -5.29 15.77 -3.57
C LEU B 368 -3.85 15.81 -3.07
N THR B 369 -2.92 15.37 -3.91
CA THR B 369 -1.50 15.45 -3.57
C THR B 369 -1.08 16.88 -3.28
N GLU B 370 -1.63 17.85 -4.01
CA GLU B 370 -1.31 19.24 -3.78
C GLU B 370 -1.93 19.75 -2.48
N ALA B 371 -3.17 19.35 -2.18
CA ALA B 371 -3.79 19.78 -0.95
C ALA B 371 -3.06 19.24 0.27
N VAL B 372 -2.62 17.98 0.22
CA VAL B 372 -1.84 17.38 1.31
C VAL B 372 -0.56 18.17 1.55
N GLN B 373 0.13 18.56 0.48
CA GLN B 373 1.38 19.31 0.69
C GLN B 373 1.09 20.69 1.27
N LYS B 374 0.02 21.34 0.81
CA LYS B 374 -0.29 22.65 1.34
C LYS B 374 -0.72 22.58 2.79
N ILE B 375 -1.55 21.59 3.13
CA ILE B 375 -1.99 21.46 4.53
C ILE B 375 -0.81 21.16 5.45
N THR B 376 0.12 20.32 4.98
CA THR B 376 1.28 19.97 5.81
C THR B 376 2.17 21.20 6.05
N THR B 377 2.39 22.00 5.01
CA THR B 377 3.23 23.19 5.15
C THR B 377 2.62 24.17 6.16
N GLU B 378 1.33 24.48 6.02
CA GLU B 378 0.68 25.37 6.97
C GLU B 378 0.85 24.86 8.39
N SER B 379 0.72 23.56 8.58
CA SER B 379 0.70 23.05 9.94
C SER B 379 2.11 22.92 10.49
N ILE B 380 3.12 22.76 9.61
CA ILE B 380 4.51 22.98 10.06
C ILE B 380 4.66 24.40 10.58
N VAL B 381 4.10 25.37 9.86
CA VAL B 381 4.27 26.77 10.23
C VAL B 381 3.56 27.08 11.54
N ILE B 382 2.35 26.54 11.72
CA ILE B 382 1.56 26.85 12.91
C ILE B 382 2.02 26.06 14.12
N TRP B 383 2.32 24.77 13.99
CA TRP B 383 2.59 23.94 15.16
C TRP B 383 3.95 23.26 15.14
N GLY B 384 4.71 23.36 14.04
CA GLY B 384 5.96 22.62 13.96
C GLY B 384 5.77 21.13 13.94
N LYS B 385 4.61 20.67 13.47
CA LYS B 385 4.22 19.27 13.46
C LYS B 385 3.47 19.01 12.17
N THR B 386 3.67 17.85 11.59
CA THR B 386 2.80 17.52 10.46
C THR B 386 1.60 16.68 10.92
N PRO B 387 0.43 16.84 10.32
CA PRO B 387 -0.72 16.01 10.70
C PRO B 387 -0.71 14.64 10.05
N LYS B 388 -1.41 13.69 10.67
CA LYS B 388 -1.76 12.43 10.01
C LYS B 388 -3.02 12.59 9.17
N PHE B 389 -2.93 12.22 7.90
CA PHE B 389 -3.98 12.50 6.94
C PHE B 389 -4.96 11.33 6.82
N LYS B 390 -6.24 11.65 6.85
CA LYS B 390 -7.31 10.69 6.52
C LYS B 390 -7.70 10.96 5.07
N LEU B 391 -7.27 10.08 4.15
CA LEU B 391 -7.34 10.40 2.72
C LEU B 391 -8.49 9.69 2.04
N PRO B 392 -9.33 10.39 1.26
CA PRO B 392 -10.48 9.75 0.55
C PRO B 392 -10.11 9.13 -0.80
N ILE B 393 -9.37 8.02 -0.77
CA ILE B 393 -8.83 7.43 -1.99
C ILE B 393 -8.41 6.00 -1.67
N GLN B 394 -8.58 5.11 -2.65
CA GLN B 394 -8.08 3.76 -2.51
C GLN B 394 -6.58 3.80 -2.32
N LYS B 395 -6.09 2.98 -1.38
CA LYS B 395 -4.67 2.94 -1.02
C LYS B 395 -3.77 2.75 -2.23
N GLU B 396 -4.14 1.82 -3.13
CA GLU B 396 -3.25 1.42 -4.21
C GLU B 396 -3.17 2.48 -5.28
N THR B 397 -4.27 3.19 -5.50
CA THR B 397 -4.27 4.33 -6.41
C THR B 397 -3.31 5.40 -5.89
N TRP B 398 -3.43 5.73 -4.61
CA TRP B 398 -2.56 6.74 -4.02
C TRP B 398 -1.09 6.32 -4.13
N GLU B 399 -0.77 5.09 -3.69
CA GLU B 399 0.63 4.66 -3.69
C GLU B 399 1.20 4.55 -5.10
N THR B 400 0.33 4.32 -6.09
CA THR B 400 0.79 4.19 -7.50
C THR B 400 0.99 5.57 -8.14
N TRP B 401 0.35 6.63 -7.63
CA TRP B 401 0.41 7.91 -8.31
C TRP B 401 1.01 9.07 -7.51
N TRP B 402 1.11 8.98 -6.17
CA TRP B 402 1.40 10.21 -5.42
C TRP B 402 2.76 10.79 -5.77
N THR B 403 3.73 9.93 -6.11
CA THR B 403 5.09 10.39 -6.37
C THR B 403 5.21 11.12 -7.68
N GLU B 404 4.23 10.95 -8.60
CA GLU B 404 4.24 11.70 -9.85
C GLU B 404 4.02 13.19 -9.63
N TYR B 405 3.50 13.59 -8.46
CA TYR B 405 3.19 14.99 -8.19
C TYR B 405 3.81 15.52 -6.90
N TRP B 406 4.33 14.66 -6.04
CA TRP B 406 4.93 15.08 -4.78
C TRP B 406 6.19 15.91 -5.02
N GLN B 407 6.26 17.08 -4.39
CA GLN B 407 7.42 17.96 -4.45
C GLN B 407 8.09 18.22 -3.12
N ALA B 408 7.47 17.90 -2.00
CA ALA B 408 8.14 18.14 -0.74
C ALA B 408 9.22 17.09 -0.49
N THR B 409 10.09 17.38 0.46
CA THR B 409 11.15 16.49 0.88
C THR B 409 10.77 15.67 2.11
N TRP B 410 9.64 15.98 2.76
CA TRP B 410 9.07 15.17 3.83
C TRP B 410 7.87 14.40 3.32
N ILE B 411 7.40 13.46 4.14
CA ILE B 411 6.19 12.68 3.89
C ILE B 411 5.39 12.59 5.18
N PRO B 412 4.17 13.13 5.23
CA PRO B 412 3.33 12.96 6.42
C PRO B 412 2.80 11.54 6.48
N GLU B 413 2.41 11.15 7.67
CA GLU B 413 1.69 9.89 7.84
C GLU B 413 0.28 10.00 7.25
N TRP B 414 -0.21 8.89 6.72
CA TRP B 414 -1.55 8.91 6.15
C TRP B 414 -2.19 7.54 6.27
N GLU B 415 -3.50 7.55 6.10
CA GLU B 415 -4.33 6.36 6.08
C GLU B 415 -5.54 6.67 5.19
N PHE B 416 -6.25 5.63 4.82
CA PHE B 416 -7.26 5.70 3.79
C PHE B 416 -8.62 5.43 4.41
N VAL B 417 -9.58 6.26 4.02
CA VAL B 417 -10.85 6.35 4.71
C VAL B 417 -11.94 6.44 3.66
N ASN B 418 -13.18 6.20 4.09
CA ASN B 418 -14.36 6.32 3.24
C ASN B 418 -15.25 7.44 3.80
N THR B 419 -15.14 8.63 3.22
CA THR B 419 -15.76 9.86 3.69
C THR B 419 -17.25 9.66 4.01
N PRO B 420 -17.68 9.91 5.24
CA PRO B 420 -19.12 9.88 5.57
C PRO B 420 -19.90 10.77 4.61
N PRO B 421 -21.11 10.34 4.14
CA PRO B 421 -21.79 11.08 3.07
C PRO B 421 -22.04 12.58 3.19
N LEU B 422 -22.57 13.04 4.32
CA LEU B 422 -22.99 14.47 4.39
C LEU B 422 -21.96 15.35 5.10
N VAL B 423 -20.92 14.77 5.70
CA VAL B 423 -19.84 15.62 6.26
C VAL B 423 -19.37 16.50 5.08
N LYS B 424 -19.31 15.92 3.88
CA LYS B 424 -18.95 16.70 2.68
C LYS B 424 -20.01 17.78 2.44
N LEU B 425 -21.29 17.45 2.62
CA LEU B 425 -22.37 18.44 2.36
C LEU B 425 -22.34 19.56 3.41
N TRP B 426 -21.84 19.29 4.62
CA TRP B 426 -21.85 20.27 5.67
C TRP B 426 -20.66 21.23 5.56
N TYR B 427 -19.57 20.79 4.93
CA TYR B 427 -18.42 21.64 4.67
C TYR B 427 -18.45 22.26 3.28
N GLN B 428 -19.46 21.95 2.48
CA GLN B 428 -19.63 22.58 1.17
C GLN B 428 -19.78 24.10 1.30
N LEU B 429 -19.34 24.80 0.27
CA LEU B 429 -19.47 26.26 0.19
C LEU B 429 -20.68 26.59 -0.70
C01 YO9 C . 16.33 -12.27 -18.47
C02 YO9 C . 16.01 -13.58 -18.41
C04 YO9 C . 15.07 -13.53 -20.53
C06 YO9 C . 16.00 -11.58 -19.64
C09 YO9 C . 16.79 -16.56 -17.57
C10 YO9 C . 16.39 -17.87 -17.22
C11 YO9 C . 15.41 -18.09 -16.25
C12 YO9 C . 14.78 -17.02 -15.60
C13 YO9 C . 15.13 -15.71 -15.92
C14 YO9 C . 16.15 -15.47 -16.90
C15 YO9 C . 17.88 -16.45 -18.65
C16 YO9 C . 14.39 -14.59 -15.15
C18 YO9 C . 15.08 -19.50 -15.95
C19 YO9 C . 15.38 -20.49 -16.80
C20 YO9 C . 14.36 -15.56 -21.89
C21 YO9 C . 13.91 -15.90 -23.16
C22 YO9 C . 13.84 -17.23 -23.52
C23 YO9 C . 14.23 -18.22 -22.62
C24 YO9 C . 14.65 -17.91 -21.36
C25 YO9 C . 14.71 -16.57 -21.01
C26 YO9 C . 14.17 -19.62 -23.00
C27 YO9 C . 16.98 -13.14 -16.45
C29 YO9 C . 15.09 -21.82 -16.46
N03 YO9 C . 15.40 -14.22 -19.42
N05 YO9 C . 15.35 -12.20 -20.70
N07 YO9 C . 16.92 -12.03 -17.26
N08 YO9 C . 14.43 -14.21 -21.56
N17 YO9 C . 16.42 -14.12 -17.22
N30 YO9 C . 14.86 -22.91 -16.15
N31 YO9 C . 14.12 -20.72 -23.30
O28 YO9 C . 17.48 -13.19 -15.32
O1 TLA D . -48.08 13.81 -2.85
O11 TLA D . -48.11 14.14 -5.03
C1 TLA D . -47.88 14.49 -3.87
C2 TLA D . -47.30 15.89 -3.66
O2 TLA D . -47.70 16.44 -2.42
C3 TLA D . -47.75 16.81 -4.79
O3 TLA D . -49.16 16.81 -4.89
C4 TLA D . -47.20 18.23 -4.55
O4 TLA D . -47.79 18.92 -3.71
O41 TLA D . -46.21 18.57 -5.22
#